data_8QK6
#
_entry.id   8QK6
#
loop_
_entity.id
_entity.type
_entity.pdbx_description
1 polymer 'Gap junction beta-1 protein'
2 non-polymer CHOLESTEROL
#
_entity_poly.entity_id   1
_entity_poly.type   'polypeptide(L)'
_entity_poly.pdbx_seq_one_letter_code
;MNWTGLYTLLSGVNRHSTAIGRVWLSVIFIFRIMVLVVAAESVWGDEKSSFICNTLQPGCNSVCYDQFFPISHVRLWSLQ
LILVSTPALLVAMHVAHQQHIEKKMLRLEGHGDPLHLEEVKRHKVHISGTLWWTYVISVVFRLLFEAVFMYVFYLLYPGY
AMVRLVKCDVYPCPNTVDCFVSRPTEKTVFTVFMLAASGICIILNVAEVVYLIIRACARRAQRRSNPPSRKGSGFGHRLS
PEYKQNEINKLLSEQDGSLKDILRRSPGTGAGLAEKSDRCSAC
;
_entity_poly.pdbx_strand_id   A,B,C,D,E,F
#
loop_
_chem_comp.id
_chem_comp.type
_chem_comp.name
_chem_comp.formula
CLR non-polymer CHOLESTEROL 'C27 H46 O'
#
# COMPACT_ATOMS: atom_id res chain seq x y z
N MET A 1 -13.82 -4.46 11.82
CA MET A 1 -13.43 -3.20 12.43
C MET A 1 -14.62 -2.56 13.12
N ASN A 2 -15.15 -3.22 14.13
CA ASN A 2 -16.30 -2.71 14.85
C ASN A 2 -15.89 -1.54 15.73
N TRP A 3 -16.90 -0.78 16.17
CA TRP A 3 -16.63 0.41 16.99
C TRP A 3 -16.12 0.04 18.37
N THR A 4 -16.58 -1.07 18.94
CA THR A 4 -16.08 -1.49 20.24
C THR A 4 -14.58 -1.79 20.16
N GLY A 5 -14.14 -2.42 19.08
CA GLY A 5 -12.73 -2.70 18.92
C GLY A 5 -11.89 -1.44 18.82
N LEU A 6 -12.34 -0.50 18.01
CA LEU A 6 -11.59 0.75 17.84
C LEU A 6 -11.56 1.55 19.14
N TYR A 7 -12.70 1.61 19.83
CA TYR A 7 -12.74 2.33 21.11
C TYR A 7 -11.83 1.69 22.13
N THR A 8 -11.85 0.36 22.21
CA THR A 8 -10.97 -0.33 23.16
C THR A 8 -9.51 -0.11 22.80
N LEU A 9 -9.18 -0.16 21.51
CA LEU A 9 -7.79 0.02 21.09
C LEU A 9 -7.28 1.40 21.47
N LEU A 10 -8.09 2.44 21.21
CA LEU A 10 -7.65 3.79 21.53
C LEU A 10 -7.69 4.06 23.02
N SER A 11 -8.55 3.37 23.75
CA SER A 11 -8.62 3.58 25.20
C SER A 11 -7.38 3.05 25.90
N GLY A 12 -6.77 2.01 25.37
CA GLY A 12 -5.66 1.35 26.04
C GLY A 12 -6.07 0.35 27.09
N VAL A 13 -7.36 0.03 27.17
CA VAL A 13 -7.91 -0.89 28.17
C VAL A 13 -7.48 -0.42 29.56
N ASN A 14 -7.51 0.89 29.77
CA ASN A 14 -7.11 1.49 31.03
C ASN A 14 -8.36 1.78 31.84
N ARG A 15 -8.47 1.18 33.02
CA ARG A 15 -9.68 1.32 33.82
C ARG A 15 -9.70 2.59 34.67
N HIS A 16 -8.63 3.38 34.64
CA HIS A 16 -8.61 4.62 35.41
C HIS A 16 -8.88 5.86 34.57
N SER A 17 -8.71 5.79 33.25
CA SER A 17 -8.98 6.94 32.42
C SER A 17 -10.47 7.24 32.41
N THR A 18 -10.79 8.53 32.44
CA THR A 18 -12.18 8.97 32.46
C THR A 18 -12.67 9.18 31.04
N ALA A 19 -13.91 9.68 30.90
CA ALA A 19 -14.50 9.86 29.57
C ALA A 19 -13.73 10.86 28.72
N ILE A 20 -12.91 11.72 29.34
CA ILE A 20 -12.15 12.68 28.57
C ILE A 20 -11.13 11.97 27.69
N GLY A 21 -10.40 11.01 28.27
CA GLY A 21 -9.42 10.27 27.50
C GLY A 21 -10.03 9.19 26.64
N ARG A 22 -11.10 8.56 27.11
CA ARG A 22 -11.73 7.50 26.34
C ARG A 22 -12.33 8.04 25.05
N VAL A 23 -12.97 9.21 25.11
CA VAL A 23 -13.75 9.74 24.00
C VAL A 23 -13.06 10.92 23.34
N TRP A 24 -12.85 12.01 24.08
CA TRP A 24 -12.42 13.25 23.46
C TRP A 24 -10.96 13.18 23.02
N LEU A 25 -10.08 12.66 23.88
CA LEU A 25 -8.68 12.58 23.51
C LEU A 25 -8.45 11.65 22.32
N SER A 26 -9.13 10.50 22.32
CA SER A 26 -8.98 9.56 21.21
C SER A 26 -9.50 10.18 19.92
N VAL A 27 -10.62 10.88 19.97
CA VAL A 27 -11.18 11.51 18.77
C VAL A 27 -10.21 12.55 18.23
N ILE A 28 -9.64 13.38 19.12
CA ILE A 28 -8.72 14.41 18.66
C ILE A 28 -7.45 13.79 18.12
N PHE A 29 -7.01 12.66 18.67
CA PHE A 29 -5.87 11.95 18.09
C PHE A 29 -6.19 11.49 16.68
N ILE A 30 -7.38 10.94 16.46
CA ILE A 30 -7.78 10.53 15.12
C ILE A 30 -7.81 11.73 14.19
N PHE A 31 -8.41 12.83 14.65
CA PHE A 31 -8.49 14.04 13.84
C PHE A 31 -7.11 14.55 13.49
N ARG A 32 -6.21 14.60 14.47
CA ARG A 32 -4.87 15.10 14.22
C ARG A 32 -4.10 14.19 13.29
N ILE A 33 -4.29 12.87 13.41
CA ILE A 33 -3.62 11.94 12.50
C ILE A 33 -4.09 12.17 11.07
N MET A 34 -5.39 12.33 10.88
CA MET A 34 -5.91 12.50 9.52
C MET A 34 -5.43 13.80 8.91
N VAL A 35 -5.46 14.90 9.67
CA VAL A 35 -4.98 16.17 9.15
C VAL A 35 -3.49 16.08 8.82
N LEU A 36 -2.72 15.43 9.69
CA LEU A 36 -1.30 15.30 9.44
C LEU A 36 -1.04 14.47 8.18
N VAL A 37 -1.81 13.41 7.98
CA VAL A 37 -1.63 12.59 6.79
C VAL A 37 -1.90 13.40 5.53
N VAL A 38 -3.00 14.17 5.54
CA VAL A 38 -3.32 14.99 4.38
C VAL A 38 -2.22 16.01 4.13
N ALA A 39 -1.76 16.69 5.19
CA ALA A 39 -0.73 17.70 5.02
C ALA A 39 0.57 17.08 4.53
N ALA A 40 0.96 15.92 5.07
CA ALA A 40 2.20 15.29 4.66
C ALA A 40 2.13 14.81 3.22
N GLU A 41 1.02 14.20 2.83
CA GLU A 41 0.93 13.60 1.50
C GLU A 41 0.76 14.64 0.41
N SER A 42 0.06 15.73 0.67
CA SER A 42 -0.24 16.71 -0.36
C SER A 42 0.46 18.05 -0.12
N VAL A 43 0.21 18.69 1.01
CA VAL A 43 0.63 20.08 1.18
C VAL A 43 2.14 20.20 1.25
N TRP A 44 2.75 19.54 2.24
CA TRP A 44 4.20 19.44 2.32
C TRP A 44 4.62 18.17 1.58
N GLY A 45 4.68 18.28 0.26
CA GLY A 45 5.08 17.14 -0.54
C GLY A 45 6.58 17.12 -0.68
N ASP A 46 7.10 17.23 -1.90
CA ASP A 46 8.53 17.42 -2.10
C ASP A 46 8.87 18.87 -1.75
N GLU A 47 8.86 19.13 -0.45
CA GLU A 47 9.04 20.49 0.04
C GLU A 47 10.39 21.05 -0.34
N LYS A 48 11.39 20.18 -0.53
CA LYS A 48 12.69 20.65 -1.00
C LYS A 48 12.59 21.29 -2.37
N SER A 49 11.86 20.65 -3.29
CA SER A 49 11.72 21.19 -4.64
C SER A 49 10.73 22.35 -4.70
N SER A 50 9.69 22.31 -3.87
CA SER A 50 8.70 23.39 -3.89
C SER A 50 9.32 24.73 -3.51
N PHE A 51 10.14 24.73 -2.46
CA PHE A 51 10.84 25.95 -2.05
C PHE A 51 11.85 26.33 -3.13
N ILE A 52 11.59 27.42 -3.84
CA ILE A 52 12.40 27.82 -4.97
C ILE A 52 12.99 29.20 -4.75
N CYS A 53 14.13 29.44 -5.38
CA CYS A 53 14.83 30.71 -5.29
C CYS A 53 15.25 31.15 -6.68
N ASN A 54 15.30 32.47 -6.88
CA ASN A 54 15.71 33.03 -8.17
C ASN A 54 17.23 33.10 -8.24
N THR A 55 17.83 31.92 -8.39
CA THR A 55 19.28 31.82 -8.45
C THR A 55 19.64 30.62 -9.31
N LEU A 56 20.89 30.61 -9.76
CA LEU A 56 21.39 29.56 -10.63
C LEU A 56 22.54 28.77 -10.04
N GLN A 57 23.17 29.24 -8.96
CA GLN A 57 24.28 28.51 -8.39
C GLN A 57 23.76 27.28 -7.65
N PRO A 58 24.26 26.10 -7.98
CA PRO A 58 23.73 24.88 -7.35
C PRO A 58 23.97 24.87 -5.85
N GLY A 59 23.01 24.30 -5.12
CA GLY A 59 23.09 24.19 -3.68
C GLY A 59 22.59 25.41 -2.93
N CYS A 60 22.40 26.54 -3.61
CA CYS A 60 21.90 27.72 -2.92
C CYS A 60 20.49 27.49 -2.39
N ASN A 61 19.64 26.84 -3.18
CA ASN A 61 18.28 26.56 -2.74
C ASN A 61 18.27 25.67 -1.51
N SER A 62 19.11 24.64 -1.50
CA SER A 62 19.13 23.72 -0.37
C SER A 62 19.54 24.42 0.92
N VAL A 63 20.59 25.24 0.85
CA VAL A 63 21.06 25.92 2.06
C VAL A 63 20.02 26.91 2.56
N CYS A 64 19.38 27.64 1.64
CA CYS A 64 18.37 28.60 2.07
C CYS A 64 17.20 27.91 2.74
N TYR A 65 16.74 26.79 2.18
CA TYR A 65 15.63 26.06 2.79
C TYR A 65 16.01 25.56 4.18
N ASP A 66 17.23 25.07 4.33
CA ASP A 66 17.68 24.66 5.66
C ASP A 66 17.82 25.85 6.60
N GLN A 67 18.20 27.00 6.07
CA GLN A 67 18.47 28.16 6.94
C GLN A 67 17.17 28.75 7.47
N PHE A 68 16.12 28.78 6.66
CA PHE A 68 14.85 29.34 7.09
C PHE A 68 13.88 28.32 7.65
N PHE A 69 14.05 27.05 7.31
CA PHE A 69 13.19 25.97 7.81
C PHE A 69 14.08 24.87 8.36
N PRO A 70 14.65 25.07 9.56
CA PRO A 70 15.51 24.03 10.13
C PRO A 70 14.80 22.69 10.27
N ILE A 71 13.54 22.69 10.66
CA ILE A 71 12.71 21.50 10.73
C ILE A 71 11.38 21.82 10.08
N SER A 72 11.00 21.05 9.07
CA SER A 72 9.73 21.27 8.41
C SER A 72 8.58 20.94 9.35
N HIS A 73 7.44 21.59 9.13
CA HIS A 73 6.34 21.51 10.09
C HIS A 73 5.83 20.09 10.24
N VAL A 74 5.75 19.34 9.14
CA VAL A 74 5.19 18.00 9.23
C VAL A 74 6.08 17.09 10.05
N ARG A 75 7.40 17.19 9.87
CA ARG A 75 8.31 16.37 10.67
C ARG A 75 8.19 16.72 12.14
N LEU A 76 8.06 18.01 12.46
CA LEU A 76 7.88 18.40 13.84
C LEU A 76 6.57 17.84 14.41
N TRP A 77 5.50 17.89 13.63
CA TRP A 77 4.24 17.30 14.09
C TRP A 77 4.33 15.78 14.14
N SER A 78 5.10 15.17 13.24
CA SER A 78 5.30 13.73 13.28
C SER A 78 6.03 13.32 14.55
N LEU A 79 7.11 14.02 14.87
CA LEU A 79 7.82 13.77 16.12
C LEU A 79 6.93 14.06 17.31
N GLN A 80 6.18 15.15 17.26
CA GLN A 80 5.27 15.47 18.36
C GLN A 80 4.24 14.38 18.56
N LEU A 81 3.66 13.88 17.47
CA LEU A 81 2.66 12.82 17.58
C LEU A 81 3.26 11.56 18.16
N ILE A 82 4.46 11.19 17.71
CA ILE A 82 5.13 10.01 18.24
C ILE A 82 5.42 10.18 19.72
N LEU A 83 5.98 11.32 20.10
CA LEU A 83 6.38 11.54 21.48
C LEU A 83 5.17 11.56 22.41
N VAL A 84 4.12 12.27 22.03
CA VAL A 84 2.95 12.35 22.90
C VAL A 84 2.16 11.05 22.90
N SER A 85 2.32 10.22 21.86
CA SER A 85 1.66 8.92 21.86
C SER A 85 2.44 7.88 22.65
N THR A 86 3.72 8.12 22.91
CA THR A 86 4.54 7.13 23.61
C THR A 86 4.02 6.81 25.00
N PRO A 87 3.70 7.78 25.88
CA PRO A 87 3.19 7.40 27.20
C PRO A 87 1.90 6.60 27.15
N ALA A 88 1.02 6.89 26.18
CA ALA A 88 -0.16 6.06 26.02
C ALA A 88 0.21 4.64 25.66
N LEU A 89 1.22 4.48 24.80
CA LEU A 89 1.70 3.14 24.47
C LEU A 89 2.27 2.44 25.70
N LEU A 90 3.02 3.17 26.53
CA LEU A 90 3.59 2.57 27.73
C LEU A 90 2.50 2.11 28.68
N VAL A 91 1.47 2.92 28.87
CA VAL A 91 0.38 2.53 29.77
C VAL A 91 -0.34 1.31 29.24
N ALA A 92 -0.59 1.27 27.93
CA ALA A 92 -1.27 0.11 27.35
C ALA A 92 -0.45 -1.16 27.54
N MET A 93 0.87 -1.07 27.31
CA MET A 93 1.71 -2.24 27.52
C MET A 93 1.76 -2.64 28.99
N HIS A 94 1.78 -1.66 29.89
CA HIS A 94 1.75 -1.98 31.32
C HIS A 94 0.48 -2.72 31.70
N VAL A 95 -0.67 -2.26 31.19
CA VAL A 95 -1.93 -2.92 31.50
C VAL A 95 -1.93 -4.33 30.95
N ALA A 96 -1.47 -4.50 29.71
CA ALA A 96 -1.41 -5.83 29.12
C ALA A 96 -0.49 -6.75 29.91
N HIS A 97 0.67 -6.22 30.33
CA HIS A 97 1.60 -7.04 31.10
C HIS A 97 1.02 -7.43 32.44
N GLN A 98 0.34 -6.50 33.12
CA GLN A 98 -0.27 -6.83 34.39
C GLN A 98 -1.37 -7.88 34.23
N GLN A 99 -2.14 -7.79 33.13
CA GLN A 99 -3.13 -8.82 32.85
C GLN A 99 -2.45 -10.17 32.64
N HIS A 100 -1.32 -10.18 31.93
CA HIS A 100 -0.60 -11.42 31.72
C HIS A 100 -0.09 -12.00 33.03
N ILE A 101 0.47 -11.15 33.90
CA ILE A 101 0.98 -11.63 35.18
C ILE A 101 -0.16 -12.20 36.02
N GLU A 102 -1.29 -11.51 36.06
CA GLU A 102 -2.46 -12.04 36.76
C GLU A 102 -2.91 -13.35 36.13
N LYS A 103 -2.86 -13.45 34.81
CA LYS A 103 -3.28 -14.67 34.14
C LYS A 103 -2.38 -15.85 34.46
N LYS A 104 -1.12 -15.59 34.83
CA LYS A 104 -0.23 -16.69 35.19
C LYS A 104 -0.73 -17.42 36.43
N MET A 105 -1.21 -16.68 37.42
CA MET A 105 -1.77 -17.30 38.60
C MET A 105 -3.29 -17.39 38.52
N ARG A 122 -5.34 -7.10 49.17
CA ARG A 122 -4.86 -8.04 48.17
C ARG A 122 -3.78 -7.40 47.29
N HIS A 123 -3.07 -8.24 46.55
CA HIS A 123 -2.06 -7.72 45.62
C HIS A 123 -2.70 -6.97 44.46
N LYS A 124 -3.95 -7.30 44.12
CA LYS A 124 -4.63 -6.63 43.02
C LYS A 124 -4.90 -5.17 43.36
N VAL A 125 -5.17 -4.85 44.63
CA VAL A 125 -5.33 -3.46 45.03
C VAL A 125 -4.05 -2.68 44.82
N HIS A 126 -2.91 -3.29 45.18
CA HIS A 126 -1.62 -2.65 44.94
C HIS A 126 -1.38 -2.47 43.44
N ILE A 127 -1.77 -3.45 42.63
CA ILE A 127 -1.63 -3.33 41.18
C ILE A 127 -2.49 -2.17 40.67
N SER A 128 -3.73 -2.05 41.17
CA SER A 128 -4.59 -0.97 40.73
C SER A 128 -4.01 0.39 41.11
N GLY A 129 -3.48 0.51 42.33
CA GLY A 129 -2.85 1.76 42.72
C GLY A 129 -1.65 2.10 41.88
N THR A 130 -0.82 1.10 41.57
CA THR A 130 0.32 1.33 40.70
C THR A 130 -0.11 1.78 39.32
N LEU A 131 -1.16 1.16 38.78
CA LEU A 131 -1.68 1.58 37.49
C LEU A 131 -2.21 3.00 37.55
N TRP A 132 -2.86 3.37 38.65
CA TRP A 132 -3.37 4.72 38.80
C TRP A 132 -2.24 5.74 38.75
N TRP A 133 -1.19 5.51 39.52
CA TRP A 133 -0.04 6.42 39.50
C TRP A 133 0.62 6.44 38.14
N THR A 134 0.73 5.28 37.50
CA THR A 134 1.35 5.22 36.18
C THR A 134 0.56 6.06 35.19
N TYR A 135 -0.77 5.96 35.21
CA TYR A 135 -1.58 6.73 34.27
C TYR A 135 -1.45 8.22 34.53
N VAL A 136 -1.49 8.64 35.80
CA VAL A 136 -1.43 10.06 36.12
C VAL A 136 -0.10 10.64 35.66
N ILE A 137 1.00 9.94 35.95
CA ILE A 137 2.31 10.42 35.55
C ILE A 137 2.44 10.43 34.04
N SER A 138 1.84 9.45 33.37
CA SER A 138 1.88 9.42 31.91
C SER A 138 1.16 10.62 31.32
N VAL A 139 0.01 11.00 31.89
CA VAL A 139 -0.71 12.16 31.40
C VAL A 139 0.11 13.43 31.62
N VAL A 140 0.77 13.53 32.77
CA VAL A 140 1.62 14.69 33.03
C VAL A 140 2.74 14.77 32.01
N PHE A 141 3.37 13.63 31.70
CA PHE A 141 4.42 13.63 30.69
C PHE A 141 3.86 13.99 29.31
N ARG A 142 2.67 13.49 28.99
CA ARG A 142 2.05 13.85 27.71
C ARG A 142 1.79 15.35 27.63
N LEU A 143 1.31 15.94 28.73
CA LEU A 143 1.10 17.37 28.78
C LEU A 143 2.41 18.13 28.61
N LEU A 144 3.47 17.68 29.28
CA LEU A 144 4.76 18.35 29.16
C LEU A 144 5.29 18.26 27.73
N PHE A 145 5.15 17.09 27.09
CA PHE A 145 5.61 16.96 25.72
C PHE A 145 4.84 17.89 24.79
N GLU A 146 3.52 17.97 24.97
CA GLU A 146 2.73 18.90 24.15
C GLU A 146 3.18 20.33 24.35
N ALA A 147 3.39 20.73 25.60
CA ALA A 147 3.83 22.09 25.88
C ALA A 147 5.20 22.36 25.29
N VAL A 148 6.12 21.40 25.39
CA VAL A 148 7.46 21.59 24.86
C VAL A 148 7.42 21.73 23.35
N PHE A 149 6.65 20.89 22.67
CA PHE A 149 6.55 21.01 21.22
C PHE A 149 5.88 22.31 20.81
N MET A 150 4.90 22.77 21.60
CA MET A 150 4.29 24.06 21.33
C MET A 150 5.32 25.18 21.44
N TYR A 151 6.15 25.13 22.48
CA TYR A 151 7.18 26.16 22.65
C TYR A 151 8.22 26.08 21.54
N VAL A 152 8.59 24.86 21.13
CA VAL A 152 9.54 24.70 20.04
C VAL A 152 8.97 25.27 18.76
N PHE A 153 7.69 25.02 18.51
CA PHE A 153 7.04 25.57 17.33
C PHE A 153 7.04 27.09 17.36
N TYR A 154 6.78 27.67 18.53
CA TYR A 154 6.86 29.12 18.66
C TYR A 154 8.28 29.62 18.43
N LEU A 155 9.27 28.89 18.95
CA LEU A 155 10.66 29.34 18.84
C LEU A 155 11.15 29.29 17.40
N LEU A 156 10.87 28.20 16.69
CA LEU A 156 11.32 28.06 15.31
C LEU A 156 10.56 29.01 14.39
N TYR A 157 9.23 29.04 14.52
CA TYR A 157 8.36 29.79 13.63
C TYR A 157 7.52 30.76 14.46
N PRO A 158 7.99 31.98 14.66
CA PRO A 158 7.17 32.97 15.37
C PRO A 158 5.88 33.24 14.58
N GLY A 159 4.80 33.43 15.33
CA GLY A 159 3.50 33.60 14.71
C GLY A 159 2.89 32.28 14.28
N TYR A 160 1.84 32.39 13.49
CA TYR A 160 1.11 31.22 13.00
C TYR A 160 0.97 31.20 11.49
N ALA A 161 1.48 32.20 10.78
CA ALA A 161 1.30 32.31 9.34
C ALA A 161 2.59 31.99 8.62
N MET A 162 2.48 31.17 7.57
CA MET A 162 3.65 30.83 6.77
C MET A 162 4.15 32.05 6.03
N VAL A 163 5.47 32.25 6.04
CA VAL A 163 6.05 33.36 5.30
C VAL A 163 5.89 33.13 3.81
N ARG A 164 5.63 34.21 3.08
CA ARG A 164 5.43 34.09 1.64
C ARG A 164 6.77 34.07 0.91
N LEU A 165 7.58 35.11 1.08
CA LEU A 165 8.90 35.17 0.48
C LEU A 165 9.92 35.57 1.55
N VAL A 166 11.15 35.11 1.37
CA VAL A 166 12.25 35.40 2.29
C VAL A 166 13.42 35.93 1.49
N LYS A 167 14.27 36.70 2.17
CA LYS A 167 15.45 37.30 1.57
C LYS A 167 16.67 36.50 2.06
N CYS A 168 16.97 35.42 1.36
CA CYS A 168 18.07 34.55 1.77
C CYS A 168 19.41 35.19 1.46
N ASP A 169 20.38 34.94 2.35
CA ASP A 169 21.75 35.44 2.15
C ASP A 169 22.67 34.50 2.92
N VAL A 170 23.34 33.60 2.19
CA VAL A 170 24.21 32.61 2.79
C VAL A 170 25.37 32.38 1.83
N TYR A 171 26.36 31.57 2.25
CA TYR A 171 27.62 31.48 1.50
C TYR A 171 27.44 31.05 0.05
N PRO A 172 26.75 29.95 -0.28
CA PRO A 172 26.63 29.59 -1.70
C PRO A 172 25.80 30.56 -2.51
N CYS A 173 25.01 31.42 -1.86
CA CYS A 173 24.14 32.33 -2.58
C CYS A 173 24.77 33.72 -2.62
N PRO A 174 25.20 34.21 -3.77
CA PRO A 174 25.63 35.61 -3.87
C PRO A 174 24.44 36.54 -4.11
N ASN A 175 24.68 37.82 -3.84
CA ASN A 175 23.79 38.92 -4.17
C ASN A 175 22.47 38.90 -3.41
N THR A 176 22.34 38.06 -2.37
CA THR A 176 21.17 38.04 -1.50
C THR A 176 19.89 37.81 -2.30
N VAL A 177 19.82 36.61 -2.89
CA VAL A 177 18.65 36.23 -3.67
C VAL A 177 17.46 36.02 -2.75
N ASP A 178 16.26 36.20 -3.29
CA ASP A 178 15.03 36.01 -2.55
C ASP A 178 14.35 34.71 -2.97
N CYS A 179 13.77 34.02 -2.01
CA CYS A 179 13.15 32.72 -2.22
C CYS A 179 11.66 32.80 -1.92
N PHE A 180 10.90 31.92 -2.57
CA PHE A 180 9.45 31.89 -2.43
C PHE A 180 9.01 30.56 -1.83
N VAL A 181 7.92 30.60 -1.08
CA VAL A 181 7.39 29.43 -0.39
C VAL A 181 6.13 28.98 -1.12
N SER A 182 6.06 27.70 -1.43
CA SER A 182 4.92 27.15 -2.15
C SER A 182 3.74 26.94 -1.20
N ARG A 183 2.55 27.26 -1.67
CA ARG A 183 1.31 27.06 -0.93
C ARG A 183 1.35 27.70 0.47
N PRO A 184 1.57 29.00 0.57
CA PRO A 184 1.67 29.61 1.90
C PRO A 184 0.35 29.65 2.64
N THR A 185 -0.74 30.02 1.96
CA THR A 185 -2.04 30.10 2.63
C THR A 185 -2.53 28.72 3.04
N GLU A 186 -2.36 27.73 2.16
CA GLU A 186 -2.78 26.38 2.51
C GLU A 186 -2.01 25.86 3.71
N LYS A 187 -0.70 26.11 3.75
CA LYS A 187 0.10 25.67 4.89
C LYS A 187 -0.32 26.40 6.16
N THR A 188 -0.69 27.68 6.04
CA THR A 188 -1.18 28.42 7.21
C THR A 188 -2.44 27.76 7.76
N VAL A 189 -3.35 27.35 6.88
CA VAL A 189 -4.59 26.72 7.34
C VAL A 189 -4.28 25.45 8.11
N PHE A 190 -3.42 24.59 7.56
CA PHE A 190 -3.10 23.35 8.25
C PHE A 190 -2.32 23.60 9.53
N THR A 191 -1.48 24.64 9.54
CA THR A 191 -0.77 24.99 10.76
C THR A 191 -1.75 25.36 11.87
N VAL A 192 -2.78 26.14 11.54
CA VAL A 192 -3.78 26.51 12.53
C VAL A 192 -4.53 25.27 13.03
N PHE A 193 -4.85 24.36 12.11
CA PHE A 193 -5.55 23.14 12.51
C PHE A 193 -4.70 22.31 13.47
N MET A 194 -3.43 22.14 13.16
CA MET A 194 -2.56 21.34 14.01
C MET A 194 -2.33 22.01 15.36
N LEU A 195 -2.12 23.33 15.36
CA LEU A 195 -1.95 24.05 16.62
C LEU A 195 -3.21 23.97 17.47
N ALA A 196 -4.38 24.10 16.84
CA ALA A 196 -5.63 23.99 17.59
C ALA A 196 -5.79 22.60 18.19
N ALA A 197 -5.48 21.56 17.43
CA ALA A 197 -5.58 20.21 17.97
C ALA A 197 -4.64 20.02 19.15
N SER A 198 -3.40 20.53 19.03
CA SER A 198 -2.46 20.42 20.14
C SER A 198 -2.95 21.20 21.36
N GLY A 199 -3.49 22.39 21.14
CA GLY A 199 -3.97 23.18 22.26
C GLY A 199 -5.11 22.52 23.01
N ILE A 200 -6.07 21.95 22.26
CA ILE A 200 -7.17 21.26 22.91
C ILE A 200 -6.67 20.01 23.63
N CYS A 201 -5.67 19.33 23.07
CA CYS A 201 -5.07 18.21 23.77
C CYS A 201 -4.48 18.64 25.11
N ILE A 202 -3.81 19.80 25.13
CA ILE A 202 -3.26 20.32 26.37
C ILE A 202 -4.39 20.56 27.38
N ILE A 203 -5.48 21.18 26.92
CA ILE A 203 -6.60 21.47 27.82
C ILE A 203 -7.18 20.18 28.38
N LEU A 204 -7.37 19.17 27.53
CA LEU A 204 -7.95 17.92 27.99
C LEU A 204 -7.03 17.21 28.97
N ASN A 205 -5.72 17.24 28.72
CA ASN A 205 -4.78 16.59 29.64
C ASN A 205 -4.81 17.26 31.00
N VAL A 206 -4.84 18.59 31.04
CA VAL A 206 -4.95 19.30 32.30
C VAL A 206 -6.25 18.92 33.00
N ALA A 207 -7.35 18.86 32.24
CA ALA A 207 -8.63 18.50 32.83
C ALA A 207 -8.60 17.10 33.42
N GLU A 208 -7.98 16.15 32.72
CA GLU A 208 -7.90 14.79 33.25
C GLU A 208 -7.11 14.74 34.54
N VAL A 209 -5.98 15.44 34.60
CA VAL A 209 -5.17 15.43 35.82
C VAL A 209 -5.97 16.02 36.98
N VAL A 210 -6.61 17.16 36.74
CA VAL A 210 -7.38 17.81 37.80
C VAL A 210 -8.53 16.93 38.23
N TYR A 211 -9.26 16.34 37.27
CA TYR A 211 -10.40 15.50 37.61
C TYR A 211 -9.97 14.29 38.42
N LEU A 212 -8.89 13.62 38.02
CA LEU A 212 -8.42 12.46 38.75
C LEU A 212 -7.98 12.82 40.16
N ILE A 213 -7.23 13.93 40.29
CA ILE A 213 -6.76 14.34 41.61
C ILE A 213 -7.94 14.69 42.50
N ILE A 214 -8.92 15.43 41.98
CA ILE A 214 -10.07 15.81 42.77
C ILE A 214 -10.84 14.58 43.23
N ARG A 215 -11.08 13.64 42.30
CA ARG A 215 -11.82 12.44 42.66
C ARG A 215 -11.05 11.59 43.68
N ALA A 216 -9.74 11.48 43.51
CA ALA A 216 -8.94 10.71 44.46
C ALA A 216 -8.96 11.35 45.84
N CYS A 217 -8.81 12.67 45.92
CA CYS A 217 -8.84 13.35 47.21
C CYS A 217 -10.20 13.20 47.86
N ALA A 218 -11.27 13.31 47.07
CA ALA A 218 -12.62 13.11 47.62
C ALA A 218 -12.79 11.70 48.15
N ARG A 219 -12.25 10.70 47.44
CA ARG A 219 -12.33 9.33 47.92
C ARG A 219 -11.53 9.14 49.20
N ARG A 220 -10.40 9.85 49.33
CA ARG A 220 -9.62 9.75 50.56
C ARG A 220 -10.42 10.21 51.77
N ALA A 221 -11.18 11.29 51.62
CA ALA A 221 -12.01 11.80 52.70
C ALA A 221 -13.12 10.82 53.04
N MET B 1 -15.42 -9.09 5.27
CA MET B 1 -16.02 -7.79 5.04
C MET B 1 -17.48 -7.95 4.62
N ASN B 2 -18.29 -8.50 5.51
CA ASN B 2 -19.69 -8.72 5.21
C ASN B 2 -20.45 -7.39 5.21
N TRP B 3 -21.65 -7.41 4.63
CA TRP B 3 -22.44 -6.19 4.53
C TRP B 3 -22.96 -5.73 5.89
N THR B 4 -23.27 -6.67 6.79
CA THR B 4 -23.71 -6.27 8.12
C THR B 4 -22.61 -5.50 8.84
N GLY B 5 -21.37 -5.94 8.70
CA GLY B 5 -20.27 -5.23 9.33
C GLY B 5 -20.09 -3.84 8.79
N LEU B 6 -20.12 -3.68 7.47
CA LEU B 6 -19.96 -2.37 6.87
C LEU B 6 -21.12 -1.45 7.23
N TYR B 7 -22.34 -1.97 7.21
CA TYR B 7 -23.50 -1.16 7.58
C TYR B 7 -23.42 -0.72 9.04
N THR B 8 -23.03 -1.64 9.93
CA THR B 8 -22.90 -1.27 11.33
C THR B 8 -21.80 -0.25 11.53
N LEU B 9 -20.67 -0.41 10.84
CA LEU B 9 -19.57 0.53 10.99
C LEU B 9 -19.97 1.93 10.56
N LEU B 10 -20.65 2.05 9.42
CA LEU B 10 -21.05 3.37 8.95
C LEU B 10 -22.21 3.93 9.75
N SER B 11 -23.04 3.06 10.35
CA SER B 11 -24.15 3.55 11.15
C SER B 11 -23.68 4.19 12.44
N GLY B 12 -22.56 3.73 12.99
CA GLY B 12 -22.11 4.20 14.28
C GLY B 12 -22.75 3.50 15.45
N VAL B 13 -23.53 2.44 15.21
CA VAL B 13 -24.26 1.71 16.24
C VAL B 13 -25.10 2.70 17.03
N ASN B 14 -25.72 3.65 16.34
CA ASN B 14 -26.55 4.67 16.96
C ASN B 14 -28.01 4.25 16.82
N ARG B 15 -28.69 4.07 17.94
CA ARG B 15 -30.06 3.59 17.91
C ARG B 15 -31.09 4.68 17.66
N HIS B 16 -30.66 5.93 17.57
CA HIS B 16 -31.60 7.03 17.31
C HIS B 16 -31.61 7.47 15.85
N SER B 17 -30.56 7.19 15.09
CA SER B 17 -30.54 7.59 13.69
C SER B 17 -31.58 6.81 12.91
N THR B 18 -32.24 7.49 11.99
CA THR B 18 -33.29 6.89 11.18
C THR B 18 -32.68 6.31 9.90
N ALA B 19 -33.54 5.81 9.01
CA ALA B 19 -33.05 5.18 7.78
C ALA B 19 -32.31 6.16 6.89
N ILE B 20 -32.52 7.46 7.07
CA ILE B 20 -31.82 8.44 6.24
C ILE B 20 -30.32 8.38 6.51
N GLY B 21 -29.94 8.37 7.79
CA GLY B 21 -28.53 8.29 8.14
C GLY B 21 -27.94 6.90 8.00
N ARG B 22 -28.75 5.88 8.30
CA ARG B 22 -28.25 4.51 8.20
C ARG B 22 -27.91 4.14 6.77
N VAL B 23 -28.75 4.55 5.82
CA VAL B 23 -28.67 4.10 4.43
C VAL B 23 -28.16 5.21 3.52
N TRP B 24 -28.92 6.30 3.41
CA TRP B 24 -28.62 7.29 2.38
C TRP B 24 -27.38 8.09 2.71
N LEU B 25 -27.24 8.54 3.96
CA LEU B 25 -26.07 9.33 4.31
C LEU B 25 -24.79 8.51 4.20
N SER B 26 -24.82 7.26 4.65
CA SER B 26 -23.64 6.41 4.55
C SER B 26 -23.27 6.14 3.10
N VAL B 27 -24.27 5.89 2.26
CA VAL B 27 -24.00 5.65 0.85
C VAL B 27 -23.36 6.88 0.20
N ILE B 28 -23.90 8.06 0.49
CA ILE B 28 -23.35 9.27 -0.10
C ILE B 28 -21.94 9.54 0.42
N PHE B 29 -21.68 9.20 1.69
CA PHE B 29 -20.31 9.30 2.19
C PHE B 29 -19.37 8.41 1.41
N ILE B 30 -19.79 7.16 1.16
CA ILE B 30 -18.97 6.25 0.36
C ILE B 30 -18.75 6.81 -1.04
N PHE B 31 -19.81 7.31 -1.65
CA PHE B 31 -19.72 7.88 -3.00
C PHE B 31 -18.77 9.07 -3.01
N ARG B 32 -18.90 9.95 -2.03
CA ARG B 32 -18.05 11.13 -1.98
C ARG B 32 -16.59 10.75 -1.73
N ILE B 33 -16.36 9.76 -0.89
CA ILE B 33 -14.99 9.31 -0.64
C ILE B 33 -14.38 8.77 -1.93
N MET B 34 -15.12 7.95 -2.67
CA MET B 34 -14.56 7.36 -3.88
C MET B 34 -14.27 8.44 -4.93
N VAL B 35 -15.19 9.38 -5.12
CA VAL B 35 -14.95 10.45 -6.09
C VAL B 35 -13.76 11.29 -5.67
N LEU B 36 -13.64 11.58 -4.37
CA LEU B 36 -12.52 12.37 -3.89
C LEU B 36 -11.20 11.64 -4.11
N VAL B 37 -11.19 10.32 -3.88
CA VAL B 37 -9.97 9.55 -4.08
C VAL B 37 -9.55 9.59 -5.54
N VAL B 38 -10.51 9.40 -6.45
CA VAL B 38 -10.19 9.45 -7.87
C VAL B 38 -9.67 10.83 -8.26
N ALA B 39 -10.33 11.89 -7.80
CA ALA B 39 -9.91 13.24 -8.13
C ALA B 39 -8.52 13.53 -7.57
N ALA B 40 -8.28 13.14 -6.33
CA ALA B 40 -6.99 13.41 -5.70
C ALA B 40 -5.87 12.65 -6.39
N GLU B 41 -6.09 11.37 -6.70
CA GLU B 41 -5.02 10.54 -7.24
C GLU B 41 -4.71 10.87 -8.69
N SER B 42 -5.72 11.22 -9.49
CA SER B 42 -5.52 11.44 -10.91
C SER B 42 -5.69 12.90 -11.32
N VAL B 43 -6.86 13.48 -11.07
CA VAL B 43 -7.19 14.76 -11.68
C VAL B 43 -6.31 15.88 -11.11
N TRP B 44 -6.39 16.09 -9.80
CA TRP B 44 -5.49 17.00 -9.11
C TRP B 44 -4.29 16.21 -8.63
N GLY B 45 -3.37 15.96 -9.56
CA GLY B 45 -2.16 15.22 -9.21
C GLY B 45 -1.11 16.18 -8.70
N ASP B 46 0.03 16.27 -9.39
CA ASP B 46 1.02 17.30 -9.07
C ASP B 46 0.49 18.62 -9.62
N GLU B 47 -0.52 19.15 -8.92
CA GLU B 47 -1.20 20.35 -9.39
C GLU B 47 -0.26 21.54 -9.46
N LYS B 48 0.79 21.54 -8.65
CA LYS B 48 1.78 22.61 -8.75
C LYS B 48 2.46 22.62 -10.11
N SER B 49 2.85 21.45 -10.61
CA SER B 49 3.52 21.37 -11.90
C SER B 49 2.54 21.50 -13.05
N SER B 50 1.31 21.01 -12.90
CA SER B 50 0.34 21.09 -13.99
C SER B 50 0.01 22.54 -14.32
N PHE B 51 -0.20 23.37 -13.31
CA PHE B 51 -0.46 24.78 -13.53
C PHE B 51 0.80 25.43 -14.08
N ILE B 52 0.76 25.83 -15.35
CA ILE B 52 1.94 26.35 -16.05
C ILE B 52 1.68 27.75 -16.54
N CYS B 53 2.77 28.52 -16.66
CA CYS B 53 2.71 29.89 -17.13
C CYS B 53 3.79 30.11 -18.18
N ASN B 54 3.52 31.01 -19.13
CA ASN B 54 4.49 31.32 -20.18
C ASN B 54 5.47 32.36 -19.67
N THR B 55 6.35 31.91 -18.78
CA THR B 55 7.35 32.78 -18.19
C THR B 55 8.59 31.96 -17.86
N LEU B 56 9.70 32.67 -17.67
CA LEU B 56 10.98 32.03 -17.39
C LEU B 56 11.56 32.41 -16.03
N GLN B 57 11.05 33.44 -15.37
CA GLN B 57 11.60 33.83 -14.08
C GLN B 57 11.18 32.83 -13.02
N PRO B 58 12.13 32.24 -12.29
CA PRO B 58 11.76 31.21 -11.31
C PRO B 58 10.87 31.77 -10.21
N GLY B 59 9.95 30.93 -9.74
CA GLY B 59 9.04 31.29 -8.69
C GLY B 59 7.79 32.00 -9.14
N CYS B 60 7.76 32.48 -10.39
CA CYS B 60 6.56 33.16 -10.88
C CYS B 60 5.38 32.20 -10.93
N ASN B 61 5.60 30.97 -11.38
CA ASN B 61 4.53 29.99 -11.44
C ASN B 61 3.97 29.68 -10.07
N SER B 62 4.84 29.53 -9.07
CA SER B 62 4.39 29.21 -7.73
C SER B 62 3.52 30.31 -7.15
N VAL B 63 3.95 31.56 -7.31
CA VAL B 63 3.18 32.67 -6.75
C VAL B 63 1.84 32.81 -7.45
N CYS B 64 1.82 32.65 -8.78
CA CYS B 64 0.55 32.75 -9.50
C CYS B 64 -0.42 31.67 -9.06
N TYR B 65 0.06 30.44 -8.91
CA TYR B 65 -0.82 29.36 -8.49
C TYR B 65 -1.38 29.64 -7.10
N ASP B 66 -0.55 30.15 -6.19
CA ASP B 66 -1.04 30.52 -4.88
C ASP B 66 -2.01 31.68 -4.94
N GLN B 67 -1.79 32.61 -5.88
CA GLN B 67 -2.62 33.81 -5.94
C GLN B 67 -4.02 33.50 -6.46
N PHE B 68 -4.12 32.60 -7.43
CA PHE B 68 -5.42 32.27 -8.00
C PHE B 68 -6.08 31.06 -7.36
N PHE B 69 -5.30 30.20 -6.72
CA PHE B 69 -5.83 29.01 -6.04
C PHE B 69 -5.28 28.99 -4.62
N PRO B 70 -5.81 29.82 -3.73
CA PRO B 70 -5.31 29.83 -2.35
C PRO B 70 -5.41 28.45 -1.69
N ILE B 71 -6.49 27.73 -1.93
CA ILE B 71 -6.64 26.36 -1.45
C ILE B 71 -7.15 25.52 -2.61
N SER B 72 -6.42 24.47 -2.95
CA SER B 72 -6.85 23.60 -4.03
C SER B 72 -8.11 22.85 -3.64
N HIS B 73 -8.91 22.48 -4.65
CA HIS B 73 -10.24 21.96 -4.40
C HIS B 73 -10.20 20.67 -3.59
N VAL B 74 -9.23 19.80 -3.88
CA VAL B 74 -9.17 18.51 -3.20
C VAL B 74 -8.88 18.70 -1.72
N ARG B 75 -7.95 19.59 -1.38
CA ARG B 75 -7.65 19.84 0.02
C ARG B 75 -8.88 20.40 0.74
N LEU B 76 -9.62 21.29 0.08
CA LEU B 76 -10.83 21.82 0.69
C LEU B 76 -11.85 20.72 0.90
N TRP B 77 -12.01 19.81 -0.07
CA TRP B 77 -12.93 18.69 0.11
C TRP B 77 -12.39 17.71 1.15
N SER B 78 -11.08 17.56 1.24
CA SER B 78 -10.49 16.70 2.25
C SER B 78 -10.77 17.24 3.65
N LEU B 79 -10.54 18.53 3.84
CA LEU B 79 -10.87 19.16 5.11
C LEU B 79 -12.36 19.10 5.38
N GLN B 80 -13.17 19.33 4.35
CA GLN B 80 -14.62 19.25 4.52
C GLN B 80 -15.05 17.85 4.95
N LEU B 81 -14.48 16.83 4.30
CA LEU B 81 -14.84 15.46 4.65
C LEU B 81 -14.43 15.14 6.07
N ILE B 82 -13.24 15.56 6.48
CA ILE B 82 -12.78 15.31 7.85
C ILE B 82 -13.68 16.03 8.85
N LEU B 83 -13.97 17.31 8.58
CA LEU B 83 -14.76 18.09 9.54
C LEU B 83 -16.17 17.56 9.66
N VAL B 84 -16.83 17.24 8.54
CA VAL B 84 -18.20 16.75 8.63
C VAL B 84 -18.25 15.31 9.13
N SER B 85 -17.16 14.57 9.02
CA SER B 85 -17.13 13.23 9.58
C SER B 85 -16.82 13.23 11.07
N THR B 86 -16.28 14.33 11.61
CA THR B 86 -15.91 14.37 13.02
C THR B 86 -17.11 14.17 13.95
N PRO B 87 -18.23 14.87 13.79
CA PRO B 87 -19.36 14.62 14.71
C PRO B 87 -19.86 13.19 14.67
N ALA B 88 -19.85 12.54 13.50
CA ALA B 88 -20.20 11.13 13.45
C ALA B 88 -19.23 10.29 14.26
N LEU B 89 -17.95 10.62 14.19
CA LEU B 89 -16.95 9.93 15.01
C LEU B 89 -17.21 10.15 16.49
N LEU B 90 -17.56 11.37 16.88
CA LEU B 90 -17.84 11.66 18.28
C LEU B 90 -19.03 10.87 18.78
N VAL B 91 -20.10 10.79 17.98
CA VAL B 91 -21.28 10.04 18.40
C VAL B 91 -20.95 8.57 18.54
N ALA B 92 -20.18 8.03 17.59
CA ALA B 92 -19.82 6.62 17.66
C ALA B 92 -19.01 6.32 18.92
N MET B 93 -18.04 7.20 19.24
CA MET B 93 -17.25 7.00 20.44
C MET B 93 -18.11 7.15 21.69
N HIS B 94 -19.05 8.09 21.69
CA HIS B 94 -19.95 8.24 22.83
C HIS B 94 -20.77 6.97 23.05
N VAL B 95 -21.30 6.40 21.97
CA VAL B 95 -22.09 5.18 22.10
C VAL B 95 -21.23 4.04 22.62
N ALA B 96 -20.02 3.91 22.09
CA ALA B 96 -19.13 2.85 22.56
C ALA B 96 -18.78 3.05 24.03
N HIS B 97 -18.51 4.29 24.43
CA HIS B 97 -18.18 4.55 25.83
C HIS B 97 -19.35 4.25 26.74
N GLN B 98 -20.56 4.61 26.34
CA GLN B 98 -21.73 4.32 27.16
C GLN B 98 -21.95 2.82 27.27
N GLN B 99 -21.71 2.08 26.19
CA GLN B 99 -21.79 0.63 26.27
C GLN B 99 -20.76 0.08 27.24
N HIS B 100 -19.55 0.63 27.21
CA HIS B 100 -18.52 0.20 28.15
C HIS B 100 -18.92 0.48 29.59
N ILE B 101 -19.46 1.67 29.85
CA ILE B 101 -19.86 2.03 31.21
C ILE B 101 -20.97 1.10 31.69
N GLU B 102 -21.95 0.84 30.82
CA GLU B 102 -23.00 -0.12 31.16
C GLU B 102 -22.40 -1.50 31.41
N LYS B 103 -21.41 -1.89 30.60
CA LYS B 103 -20.80 -3.20 30.75
C LYS B 103 -20.06 -3.34 32.08
N LYS B 104 -19.60 -2.22 32.65
CA LYS B 104 -18.91 -2.29 33.93
C LYS B 104 -19.84 -2.80 35.03
N MET B 105 -21.09 -2.34 35.04
CA MET B 105 -22.07 -2.83 36.01
C MET B 105 -22.94 -3.93 35.41
N ARG B 122 -35.13 4.72 35.18
CA ARG B 122 -33.80 4.12 35.30
C ARG B 122 -32.73 5.04 34.74
N HIS B 123 -31.48 4.74 35.04
CA HIS B 123 -30.38 5.52 34.50
C HIS B 123 -30.21 5.31 33.00
N LYS B 124 -30.67 4.15 32.50
CA LYS B 124 -30.57 3.88 31.07
C LYS B 124 -31.47 4.80 30.26
N VAL B 125 -32.62 5.19 30.81
CA VAL B 125 -33.48 6.15 30.12
C VAL B 125 -32.77 7.49 30.00
N HIS B 126 -32.10 7.93 31.07
CA HIS B 126 -31.33 9.16 31.01
C HIS B 126 -30.21 9.05 29.99
N ILE B 127 -29.55 7.89 29.92
CA ILE B 127 -28.50 7.68 28.93
C ILE B 127 -29.08 7.78 27.52
N SER B 128 -30.24 7.17 27.29
CA SER B 128 -30.86 7.24 25.97
C SER B 128 -31.22 8.65 25.59
N GLY B 129 -31.77 9.43 26.54
CA GLY B 129 -32.08 10.82 26.26
C GLY B 129 -30.83 11.63 25.95
N THR B 130 -29.76 11.41 26.70
CA THR B 130 -28.50 12.10 26.43
C THR B 130 -27.97 11.75 25.05
N LEU B 131 -28.06 10.47 24.67
CA LEU B 131 -27.63 10.07 23.34
C LEU B 131 -28.49 10.73 22.27
N TRP B 132 -29.79 10.84 22.52
CA TRP B 132 -30.67 11.48 21.56
C TRP B 132 -30.27 12.92 21.32
N TRP B 133 -30.06 13.69 22.41
CA TRP B 133 -29.63 15.07 22.26
C TRP B 133 -28.27 15.17 21.60
N THR B 134 -27.35 14.26 21.96
CA THR B 134 -26.03 14.27 21.35
C THR B 134 -26.12 14.07 19.85
N TYR B 135 -26.94 13.12 19.41
CA TYR B 135 -27.07 12.86 17.98
C TYR B 135 -27.67 14.06 17.26
N VAL B 136 -28.72 14.66 17.83
CA VAL B 136 -29.38 15.77 17.16
C VAL B 136 -28.42 16.95 17.01
N ILE B 137 -27.69 17.26 18.08
CA ILE B 137 -26.75 18.37 18.02
C ILE B 137 -25.61 18.06 17.06
N SER B 138 -25.20 16.79 16.99
CA SER B 138 -24.14 16.42 16.06
C SER B 138 -24.60 16.61 14.62
N VAL B 139 -25.84 16.26 14.32
CA VAL B 139 -26.36 16.46 12.96
C VAL B 139 -26.42 17.94 12.63
N VAL B 140 -26.83 18.76 13.60
CA VAL B 140 -26.87 20.21 13.37
C VAL B 140 -25.48 20.74 13.08
N PHE B 141 -24.48 20.28 13.84
CA PHE B 141 -23.11 20.70 13.58
C PHE B 141 -22.64 20.22 12.22
N ARG B 142 -23.00 18.99 11.84
CA ARG B 142 -22.62 18.49 10.53
C ARG B 142 -23.24 19.33 9.42
N LEU B 143 -24.51 19.72 9.59
CA LEU B 143 -25.16 20.59 8.63
C LEU B 143 -24.47 21.94 8.56
N LEU B 144 -24.11 22.51 9.70
CA LEU B 144 -23.43 23.80 9.70
C LEU B 144 -22.07 23.71 9.02
N PHE B 145 -21.32 22.65 9.27
CA PHE B 145 -20.03 22.49 8.62
C PHE B 145 -20.19 22.37 7.11
N GLU B 146 -21.17 21.60 6.66
CA GLU B 146 -21.42 21.50 5.22
C GLU B 146 -21.77 22.85 4.62
N ALA B 147 -22.63 23.60 5.29
CA ALA B 147 -23.01 24.92 4.78
C ALA B 147 -21.82 25.86 4.75
N VAL B 148 -20.98 25.83 5.80
CA VAL B 148 -19.82 26.70 5.86
C VAL B 148 -18.85 26.38 4.73
N PHE B 149 -18.58 25.09 4.51
CA PHE B 149 -17.68 24.72 3.43
C PHE B 149 -18.26 25.08 2.07
N MET B 150 -19.58 24.95 1.92
CA MET B 150 -20.22 25.37 0.69
C MET B 150 -20.03 26.86 0.46
N TYR B 151 -20.22 27.67 1.50
CA TYR B 151 -20.02 29.11 1.37
C TYR B 151 -18.56 29.45 1.09
N VAL B 152 -17.63 28.74 1.73
CA VAL B 152 -16.22 28.97 1.48
C VAL B 152 -15.88 28.65 0.03
N PHE B 153 -16.44 27.54 -0.47
CA PHE B 153 -16.21 27.18 -1.87
C PHE B 153 -16.75 28.25 -2.80
N TYR B 154 -17.92 28.80 -2.49
CA TYR B 154 -18.46 29.90 -3.28
C TYR B 154 -17.57 31.13 -3.19
N LEU B 155 -17.05 31.42 -2.00
CA LEU B 155 -16.24 32.62 -1.82
C LEU B 155 -14.92 32.53 -2.55
N LEU B 156 -14.23 31.39 -2.44
CA LEU B 156 -12.94 31.24 -3.09
C LEU B 156 -13.10 31.13 -4.60
N TYR B 157 -14.04 30.31 -5.06
CA TYR B 157 -14.23 30.01 -6.48
C TYR B 157 -15.66 30.35 -6.87
N PRO B 158 -15.92 31.57 -7.32
CA PRO B 158 -17.27 31.89 -7.81
C PRO B 158 -17.63 31.02 -8.99
N GLY B 159 -18.90 30.63 -9.05
CA GLY B 159 -19.35 29.72 -10.08
C GLY B 159 -19.00 28.28 -9.76
N TYR B 160 -19.14 27.43 -10.79
CA TYR B 160 -18.88 26.01 -10.65
C TYR B 160 -17.90 25.49 -11.70
N ALA B 161 -17.43 26.34 -12.60
CA ALA B 161 -16.58 25.91 -13.71
C ALA B 161 -15.15 26.35 -13.48
N MET B 162 -14.22 25.43 -13.70
CA MET B 162 -12.81 25.76 -13.56
C MET B 162 -12.38 26.75 -14.64
N VAL B 163 -11.62 27.76 -14.24
CA VAL B 163 -11.11 28.73 -15.19
C VAL B 163 -10.10 28.06 -16.11
N ARG B 164 -10.12 28.44 -17.38
CA ARG B 164 -9.20 27.84 -18.35
C ARG B 164 -7.84 28.52 -18.29
N LEU B 165 -7.81 29.83 -18.52
CA LEU B 165 -6.57 30.60 -18.43
C LEU B 165 -6.81 31.83 -17.58
N VAL B 166 -5.74 32.28 -16.92
CA VAL B 166 -5.78 33.46 -16.07
C VAL B 166 -4.66 34.41 -16.47
N LYS B 167 -4.86 35.68 -16.17
CA LYS B 167 -3.89 36.73 -16.48
C LYS B 167 -3.19 37.12 -15.17
N CYS B 168 -2.15 36.38 -14.84
CA CYS B 168 -1.45 36.61 -13.58
C CYS B 168 -0.60 37.87 -13.65
N ASP B 169 -0.51 38.59 -12.53
CA ASP B 169 0.32 39.79 -12.44
C ASP B 169 0.70 39.95 -10.98
N VAL B 170 1.92 39.58 -10.63
CA VAL B 170 2.40 39.62 -9.25
C VAL B 170 3.88 39.99 -9.29
N TYR B 171 4.49 40.18 -8.12
CA TYR B 171 5.83 40.77 -8.07
C TYR B 171 6.88 39.95 -8.83
N PRO B 172 7.04 38.65 -8.62
CA PRO B 172 8.07 37.93 -9.39
C PRO B 172 7.78 37.84 -10.86
N CYS B 173 6.55 38.09 -11.29
CA CYS B 173 6.18 37.95 -12.69
C CYS B 173 6.13 39.32 -13.34
N PRO B 174 7.05 39.64 -14.26
CA PRO B 174 6.90 40.87 -15.03
C PRO B 174 6.02 40.67 -16.25
N ASN B 175 5.54 41.79 -16.79
CA ASN B 175 4.83 41.88 -18.06
C ASN B 175 3.47 41.18 -18.05
N THR B 176 2.95 40.80 -16.88
CA THR B 176 1.61 40.23 -16.75
C THR B 176 1.44 39.00 -17.64
N VAL B 177 2.21 37.97 -17.30
CA VAL B 177 2.13 36.72 -18.04
C VAL B 177 0.81 36.02 -17.76
N ASP B 178 0.37 35.20 -18.71
CA ASP B 178 -0.87 34.44 -18.58
C ASP B 178 -0.56 32.97 -18.31
N CYS B 179 -1.37 32.36 -17.45
CA CYS B 179 -1.17 31.00 -17.02
C CYS B 179 -2.34 30.13 -17.46
N PHE B 180 -2.08 28.85 -17.64
CA PHE B 180 -3.08 27.90 -18.08
C PHE B 180 -3.32 26.84 -17.01
N VAL B 181 -4.56 26.34 -16.97
CA VAL B 181 -4.98 25.36 -15.98
C VAL B 181 -5.12 24.01 -16.68
N SER B 182 -4.51 22.99 -16.10
CA SER B 182 -4.55 21.65 -16.67
C SER B 182 -5.88 20.98 -16.37
N ARG B 183 -6.42 20.28 -17.37
CA ARG B 183 -7.65 19.52 -17.23
C ARG B 183 -8.81 20.36 -16.68
N PRO B 184 -9.18 21.45 -17.36
CA PRO B 184 -10.25 22.29 -16.82
C PRO B 184 -11.62 21.64 -16.87
N THR B 185 -11.96 20.99 -17.98
CA THR B 185 -13.27 20.36 -18.10
C THR B 185 -13.41 19.18 -17.15
N GLU B 186 -12.35 18.37 -17.04
CA GLU B 186 -12.41 17.24 -16.12
C GLU B 186 -12.58 17.70 -14.68
N LYS B 187 -11.85 18.77 -14.30
CA LYS B 187 -11.99 19.31 -12.95
C LYS B 187 -13.38 19.87 -12.74
N THR B 188 -13.98 20.48 -13.76
CA THR B 188 -15.34 20.97 -13.65
C THR B 188 -16.31 19.84 -13.36
N VAL B 189 -16.13 18.71 -14.04
CA VAL B 189 -17.01 17.56 -13.82
C VAL B 189 -16.94 17.08 -12.38
N PHE B 190 -15.72 16.92 -11.87
CA PHE B 190 -15.57 16.46 -10.49
C PHE B 190 -16.05 17.50 -9.50
N THR B 191 -15.88 18.78 -9.82
CA THR B 191 -16.41 19.82 -8.95
C THR B 191 -17.92 19.73 -8.82
N VAL B 192 -18.60 19.49 -9.93
CA VAL B 192 -20.05 19.34 -9.90
C VAL B 192 -20.45 18.12 -9.09
N PHE B 193 -19.71 17.02 -9.26
CA PHE B 193 -20.02 15.82 -8.48
C PHE B 193 -19.87 16.07 -6.99
N MET B 194 -18.77 16.71 -6.59
CA MET B 194 -18.55 16.96 -5.17
C MET B 194 -19.57 17.93 -4.61
N LEU B 195 -19.89 18.99 -5.35
CA LEU B 195 -20.89 19.95 -4.90
C LEU B 195 -22.26 19.28 -4.78
N ALA B 196 -22.61 18.41 -5.74
CA ALA B 196 -23.88 17.71 -5.67
C ALA B 196 -23.94 16.80 -4.45
N ALA B 197 -22.85 16.08 -4.17
CA ALA B 197 -22.83 15.22 -3.00
C ALA B 197 -22.99 16.03 -1.72
N SER B 198 -22.31 17.17 -1.63
CA SER B 198 -22.44 18.02 -0.46
C SER B 198 -23.85 18.57 -0.32
N GLY B 199 -24.45 18.98 -1.44
CA GLY B 199 -25.81 19.51 -1.39
C GLY B 199 -26.82 18.49 -0.92
N ILE B 200 -26.72 17.26 -1.43
CA ILE B 200 -27.64 16.21 -0.99
C ILE B 200 -27.40 15.87 0.47
N CYS B 201 -26.15 15.92 0.92
CA CYS B 201 -25.87 15.72 2.34
C CYS B 201 -26.56 16.78 3.19
N ILE B 202 -26.55 18.03 2.73
CA ILE B 202 -27.26 19.09 3.44
C ILE B 202 -28.74 18.78 3.52
N ILE B 203 -29.32 18.35 2.40
CA ILE B 203 -30.75 18.06 2.37
C ILE B 203 -31.08 16.92 3.34
N LEU B 204 -30.27 15.87 3.33
CA LEU B 204 -30.53 14.73 4.20
C LEU B 204 -30.39 15.11 5.67
N ASN B 205 -29.39 15.94 5.99
CA ASN B 205 -29.21 16.36 7.38
C ASN B 205 -30.41 17.17 7.87
N VAL B 206 -30.90 18.08 7.03
CA VAL B 206 -32.10 18.84 7.39
C VAL B 206 -33.29 17.90 7.57
N ALA B 207 -33.42 16.92 6.68
CA ALA B 207 -34.53 15.98 6.79
C ALA B 207 -34.44 15.18 8.09
N GLU B 208 -33.24 14.75 8.47
CA GLU B 208 -33.10 13.99 9.71
C GLU B 208 -33.48 14.83 10.91
N VAL B 209 -33.03 16.08 10.96
CA VAL B 209 -33.37 16.95 12.09
C VAL B 209 -34.88 17.14 12.18
N VAL B 210 -35.50 17.44 11.04
CA VAL B 210 -36.96 17.66 11.04
C VAL B 210 -37.69 16.39 11.42
N TYR B 211 -37.27 15.24 10.87
CA TYR B 211 -37.96 13.99 11.18
C TYR B 211 -37.84 13.65 12.66
N LEU B 212 -36.64 13.80 13.23
CA LEU B 212 -36.46 13.49 14.65
C LEU B 212 -37.28 14.43 15.53
N ILE B 213 -37.27 15.72 15.22
CA ILE B 213 -38.03 16.68 16.01
C ILE B 213 -39.53 16.38 15.93
N ILE B 214 -40.02 16.09 14.72
CA ILE B 214 -41.44 15.80 14.55
C ILE B 214 -41.82 14.56 15.33
N ARG B 215 -41.02 13.50 15.23
CA ARG B 215 -41.33 12.27 15.93
C ARG B 215 -41.26 12.46 17.44
N ALA B 216 -40.28 13.22 17.92
CA ALA B 216 -40.17 13.47 19.36
C ALA B 216 -41.35 14.27 19.87
N CYS B 217 -41.76 15.30 19.15
CA CYS B 217 -42.91 16.10 19.57
C CYS B 217 -44.18 15.26 19.55
N ALA B 218 -44.35 14.42 18.53
CA ALA B 218 -45.51 13.53 18.49
C ALA B 218 -45.50 12.58 19.68
N ARG B 219 -44.34 12.05 20.04
CA ARG B 219 -44.25 11.17 21.20
C ARG B 219 -44.57 11.91 22.49
N ARG B 220 -44.20 13.19 22.59
CA ARG B 220 -44.51 13.98 23.77
C ARG B 220 -46.02 14.09 23.96
N ALA B 221 -46.76 14.29 22.88
CA ALA B 221 -48.22 14.38 22.96
C ALA B 221 -48.83 13.05 23.36
N MET C 1 -7.17 -5.86 16.20
CA MET C 1 -5.84 -5.50 16.69
C MET C 1 -5.91 -5.08 18.15
N ASN C 2 -6.30 -6.00 19.01
CA ASN C 2 -6.41 -5.71 20.43
C ASN C 2 -5.02 -5.58 21.06
N TRP C 3 -4.99 -5.00 22.26
CA TRP C 3 -3.72 -4.78 22.93
C TRP C 3 -3.10 -6.08 23.41
N THR C 4 -3.92 -7.06 23.81
CA THR C 4 -3.37 -8.34 24.21
C THR C 4 -2.64 -9.02 23.06
N GLY C 5 -3.21 -8.92 21.86
CA GLY C 5 -2.55 -9.51 20.69
C GLY C 5 -1.22 -8.85 20.39
N LEU C 6 -1.19 -7.52 20.41
CA LEU C 6 0.06 -6.81 20.12
C LEU C 6 1.11 -7.08 21.19
N TYR C 7 0.69 -7.08 22.45
CA TYR C 7 1.64 -7.37 23.54
C TYR C 7 2.19 -8.78 23.41
N THR C 8 1.32 -9.76 23.12
CA THR C 8 1.80 -11.13 22.96
C THR C 8 2.73 -11.25 21.78
N LEU C 9 2.41 -10.58 20.67
CA LEU C 9 3.26 -10.67 19.48
C LEU C 9 4.64 -10.12 19.75
N LEU C 10 4.72 -8.96 20.42
CA LEU C 10 6.03 -8.37 20.69
C LEU C 10 6.76 -9.11 21.80
N SER C 11 6.02 -9.77 22.70
CA SER C 11 6.68 -10.51 23.77
C SER C 11 7.39 -11.75 23.25
N GLY C 12 6.88 -12.35 22.18
CA GLY C 12 7.42 -13.60 21.69
C GLY C 12 6.89 -14.82 22.40
N VAL C 13 5.88 -14.66 23.27
CA VAL C 13 5.31 -15.74 24.06
C VAL C 13 6.44 -16.44 24.82
N ASN C 14 7.38 -15.66 25.34
CA ASN C 14 8.51 -16.17 26.08
C ASN C 14 8.22 -16.05 27.57
N ARG C 15 8.20 -17.18 28.27
CA ARG C 15 7.84 -17.17 29.67
C ARG C 15 9.00 -16.81 30.60
N HIS C 16 10.20 -16.62 30.07
CA HIS C 16 11.34 -16.25 30.89
C HIS C 16 11.66 -14.77 30.86
N SER C 17 11.21 -14.05 29.84
CA SER C 17 11.48 -12.62 29.77
C SER C 17 10.74 -11.89 30.87
N THR C 18 11.39 -10.91 31.47
CA THR C 18 10.82 -10.14 32.56
C THR C 18 10.09 -8.92 32.01
N ALA C 19 9.58 -8.07 32.90
CA ALA C 19 8.81 -6.91 32.47
C ALA C 19 9.64 -5.94 31.64
N ILE C 20 10.96 -6.01 31.73
CA ILE C 20 11.80 -5.11 30.94
C ILE C 20 11.63 -5.40 29.45
N GLY C 21 11.69 -6.67 29.08
CA GLY C 21 11.52 -7.05 27.69
C GLY C 21 10.08 -7.04 27.24
N ARG C 22 9.15 -7.41 28.12
CA ARG C 22 7.75 -7.44 27.75
C ARG C 22 7.22 -6.04 27.44
N VAL C 23 7.62 -5.06 28.25
CA VAL C 23 7.04 -3.72 28.18
C VAL C 23 8.03 -2.72 27.58
N TRP C 24 9.16 -2.50 28.23
CA TRP C 24 10.03 -1.40 27.86
C TRP C 24 10.74 -1.67 26.54
N LEU C 25 11.28 -2.87 26.36
CA LEU C 25 11.99 -3.17 25.12
C LEU C 25 11.05 -3.14 23.93
N SER C 26 9.85 -3.71 24.07
CA SER C 26 8.90 -3.70 22.97
C SER C 26 8.47 -2.28 22.62
N VAL C 27 8.24 -1.45 23.64
CA VAL C 27 7.85 -0.07 23.38
C VAL C 27 8.95 0.68 22.64
N ILE C 28 10.20 0.49 23.07
CA ILE C 28 11.30 1.18 22.40
C ILE C 28 11.48 0.66 20.99
N PHE C 29 11.23 -0.62 20.76
CA PHE C 29 11.26 -1.13 19.39
C PHE C 29 10.21 -0.45 18.53
N ILE C 30 9.00 -0.29 19.06
CA ILE C 30 7.95 0.41 18.32
C ILE C 30 8.36 1.85 18.05
N PHE C 31 8.90 2.52 19.07
CA PHE C 31 9.34 3.90 18.91
C PHE C 31 10.43 4.02 17.86
N ARG C 32 11.41 3.11 17.91
CA ARG C 32 12.50 3.15 16.95
C ARG C 32 12.01 2.86 15.54
N ILE C 33 11.08 1.93 15.40
CA ILE C 33 10.53 1.63 14.08
C ILE C 33 9.83 2.85 13.51
N MET C 34 9.02 3.53 14.32
CA MET C 34 8.28 4.68 13.82
C MET C 34 9.22 5.82 13.42
N VAL C 35 10.23 6.10 14.25
CA VAL C 35 11.18 7.15 13.92
C VAL C 35 11.94 6.79 12.66
N LEU C 36 12.34 5.53 12.52
CA LEU C 36 13.05 5.11 11.33
C LEU C 36 12.19 5.24 10.09
N VAL C 37 10.91 4.89 10.19
CA VAL C 37 10.02 5.01 9.04
C VAL C 37 9.90 6.46 8.61
N VAL C 38 9.71 7.37 9.58
CA VAL C 38 9.60 8.79 9.25
C VAL C 38 10.89 9.29 8.60
N ALA C 39 12.04 8.92 9.17
CA ALA C 39 13.32 9.37 8.63
C ALA C 39 13.54 8.82 7.23
N ALA C 40 13.23 7.53 7.02
CA ALA C 40 13.43 6.93 5.72
C ALA C 40 12.51 7.54 4.67
N GLU C 41 11.24 7.73 5.00
CA GLU C 41 10.28 8.19 4.01
C GLU C 41 10.45 9.66 3.67
N SER C 42 10.82 10.49 4.64
CA SER C 42 10.89 11.92 4.42
C SER C 42 12.31 12.47 4.45
N VAL C 43 13.03 12.28 5.56
CA VAL C 43 14.28 13.00 5.77
C VAL C 43 15.35 12.52 4.79
N TRP C 44 15.68 11.23 4.86
CA TRP C 44 16.57 10.62 3.88
C TRP C 44 15.71 10.06 2.76
N GLY C 45 15.30 10.94 1.86
CA GLY C 45 14.49 10.53 0.74
C GLY C 45 15.39 10.09 -0.40
N ASP C 46 15.31 10.77 -1.55
CA ASP C 46 16.27 10.53 -2.61
C ASP C 46 17.59 11.20 -2.22
N GLU C 47 18.26 10.56 -1.27
CA GLU C 47 19.47 11.14 -0.69
C GLU C 47 20.57 11.30 -1.73
N LYS C 48 20.54 10.48 -2.79
CA LYS C 48 21.50 10.66 -3.86
C LYS C 48 21.33 12.01 -4.55
N SER C 49 20.09 12.39 -4.84
CA SER C 49 19.84 13.67 -5.49
C SER C 49 19.95 14.84 -4.54
N SER C 50 19.59 14.66 -3.27
CA SER C 50 19.66 15.76 -2.32
C SER C 50 21.10 16.23 -2.12
N PHE C 51 22.03 15.29 -1.98
CA PHE C 51 23.44 15.63 -1.86
C PHE C 51 23.93 16.23 -3.17
N ILE C 52 24.22 17.52 -3.17
CA ILE C 52 24.55 18.24 -4.39
C ILE C 52 25.93 18.86 -4.27
N CYS C 53 26.59 19.04 -5.41
CA CYS C 53 27.91 19.63 -5.49
C CYS C 53 27.93 20.68 -6.59
N ASN C 54 28.77 21.71 -6.41
CA ASN C 54 28.90 22.77 -7.40
C ASN C 54 29.88 22.34 -8.48
N THR C 55 29.43 21.40 -9.31
CA THR C 55 30.26 20.89 -10.38
C THR C 55 29.37 20.47 -11.53
N LEU C 56 29.98 20.32 -12.70
CA LEU C 56 29.27 19.97 -13.91
C LEU C 56 29.70 18.65 -14.53
N GLN C 57 30.83 18.08 -14.12
CA GLN C 57 31.28 16.83 -14.68
C GLN C 57 30.42 15.69 -14.17
N PRO C 58 29.80 14.90 -15.06
CA PRO C 58 28.91 13.83 -14.61
C PRO C 58 29.64 12.81 -13.76
N GLY C 59 28.93 12.28 -12.76
CA GLY C 59 29.46 11.26 -11.89
C GLY C 59 30.24 11.79 -10.71
N CYS C 60 30.61 13.07 -10.73
CA CYS C 60 31.35 13.64 -9.60
C CYS C 60 30.50 13.62 -8.33
N ASN C 61 29.22 13.95 -8.45
CA ASN C 61 28.33 13.95 -7.28
C ASN C 61 28.20 12.55 -6.70
N SER C 62 28.06 11.55 -7.55
CA SER C 62 27.89 10.18 -7.07
C SER C 62 29.12 9.71 -6.30
N VAL C 63 30.32 9.97 -6.84
CA VAL C 63 31.53 9.51 -6.17
C VAL C 63 31.73 10.25 -4.85
N CYS C 64 31.46 11.55 -4.81
CA CYS C 64 31.61 12.30 -3.57
C CYS C 64 30.65 11.79 -2.50
N TYR C 65 29.40 11.52 -2.87
CA TYR C 65 28.45 11.01 -1.89
C TYR C 65 28.90 9.66 -1.36
N ASP C 66 29.41 8.80 -2.23
CA ASP C 66 29.94 7.52 -1.76
C ASP C 66 31.18 7.69 -0.91
N GLN C 67 31.99 8.71 -1.20
CA GLN C 67 33.26 8.88 -0.50
C GLN C 67 33.04 9.39 0.92
N PHE C 68 32.06 10.28 1.11
CA PHE C 68 31.81 10.84 2.43
C PHE C 68 30.71 10.11 3.19
N PHE C 69 29.84 9.37 2.50
CA PHE C 69 28.78 8.60 3.13
C PHE C 69 28.83 7.18 2.59
N PRO C 70 29.79 6.37 3.05
CA PRO C 70 29.85 4.99 2.57
C PRO C 70 28.57 4.22 2.79
N ILE C 71 27.92 4.41 3.93
CA ILE C 71 26.62 3.82 4.20
C ILE C 71 25.73 4.90 4.78
N SER C 72 24.60 5.14 4.15
CA SER C 72 23.67 6.14 4.66
C SER C 72 23.09 5.71 5.99
N HIS C 73 22.70 6.69 6.80
CA HIS C 73 22.32 6.40 8.18
C HIS C 73 21.11 5.49 8.25
N VAL C 74 20.13 5.69 7.37
CA VAL C 74 18.91 4.90 7.45
C VAL C 74 19.20 3.44 7.13
N ARG C 75 20.03 3.17 6.13
CA ARG C 75 20.38 1.79 5.81
C ARG C 75 21.10 1.14 6.98
N LEU C 76 21.99 1.88 7.64
CA LEU C 76 22.69 1.34 8.80
C LEU C 76 21.70 1.03 9.93
N TRP C 77 20.73 1.93 10.15
CA TRP C 77 19.72 1.66 11.17
C TRP C 77 18.79 0.54 10.74
N SER C 78 18.53 0.43 9.44
CA SER C 78 17.71 -0.66 8.93
C SER C 78 18.39 -2.01 9.17
N LEU C 79 19.68 -2.09 8.82
CA LEU C 79 20.44 -3.30 9.10
C LEU C 79 20.53 -3.55 10.59
N GLN C 80 20.74 -2.49 11.37
CA GLN C 80 20.81 -2.66 12.83
C GLN C 80 19.50 -3.19 13.37
N LEU C 81 18.39 -2.65 12.90
CA LEU C 81 17.09 -3.11 13.39
C LEU C 81 16.85 -4.57 13.01
N ILE C 82 17.20 -4.95 11.79
CA ILE C 82 17.03 -6.34 11.36
C ILE C 82 17.91 -7.26 12.20
N LEU C 83 19.18 -6.89 12.38
CA LEU C 83 20.11 -7.76 13.08
C LEU C 83 19.72 -7.92 14.55
N VAL C 84 19.37 -6.82 15.22
CA VAL C 84 19.02 -6.92 16.63
C VAL C 84 17.64 -7.55 16.81
N SER C 85 16.80 -7.52 15.80
CA SER C 85 15.51 -8.20 15.89
C SER C 85 15.61 -9.68 15.58
N THR C 86 16.69 -10.12 14.95
CA THR C 86 16.83 -11.53 14.58
C THR C 86 16.82 -12.46 15.80
N PRO C 87 17.59 -12.24 16.86
CA PRO C 87 17.53 -13.16 18.00
C PRO C 87 16.16 -13.24 18.64
N ALA C 88 15.42 -12.13 18.67
CA ALA C 88 14.04 -12.19 19.16
C ALA C 88 13.20 -13.09 18.27
N LEU C 89 13.39 -13.00 16.96
CA LEU C 89 12.69 -13.88 16.03
C LEU C 89 13.06 -15.33 16.28
N LEU C 90 14.35 -15.61 16.52
CA LEU C 90 14.78 -16.98 16.77
C LEU C 90 14.15 -17.54 18.04
N VAL C 91 14.10 -16.74 19.10
CA VAL C 91 13.49 -17.20 20.35
C VAL C 91 12.02 -17.48 20.15
N ALA C 92 11.32 -16.58 19.44
CA ALA C 92 9.90 -16.78 19.20
C ALA C 92 9.64 -18.07 18.42
N MET C 93 10.46 -18.32 17.38
CA MET C 93 10.30 -19.56 16.62
C MET C 93 10.63 -20.78 17.46
N HIS C 94 11.64 -20.67 18.32
CA HIS C 94 11.97 -21.79 19.20
C HIS C 94 10.81 -22.11 20.14
N VAL C 95 10.20 -21.08 20.72
CA VAL C 95 9.07 -21.30 21.61
C VAL C 95 7.91 -21.93 20.87
N ALA C 96 7.61 -21.43 19.67
CA ALA C 96 6.53 -21.99 18.87
C ALA C 96 6.82 -23.45 18.51
N HIS C 97 8.06 -23.74 18.14
CA HIS C 97 8.41 -25.12 17.79
C HIS C 97 8.30 -26.04 18.98
N GLN C 98 8.74 -25.59 20.16
CA GLN C 98 8.62 -26.42 21.35
C GLN C 98 7.16 -26.66 21.71
N GLN C 99 6.32 -25.65 21.54
CA GLN C 99 4.89 -25.86 21.75
C GLN C 99 4.34 -26.88 20.77
N HIS C 100 4.77 -26.83 19.51
CA HIS C 100 4.33 -27.81 18.54
C HIS C 100 4.77 -29.21 18.91
N ILE C 101 6.02 -29.36 19.33
CA ILE C 101 6.54 -30.67 19.71
C ILE C 101 5.76 -31.22 20.91
N GLU C 102 5.51 -30.37 21.90
CA GLU C 102 4.69 -30.79 23.03
C GLU C 102 3.27 -31.15 22.57
N LYS C 103 2.73 -30.39 21.61
CA LYS C 103 1.39 -30.66 21.13
C LYS C 103 1.30 -32.00 20.41
N LYS C 104 2.42 -32.48 19.85
CA LYS C 104 2.40 -33.77 19.17
C LYS C 104 2.08 -34.90 20.15
N MET C 105 2.64 -34.84 21.36
CA MET C 105 2.33 -35.85 22.37
C MET C 105 1.28 -35.34 23.34
N ARG C 122 10.93 -34.22 34.68
CA ARG C 122 10.23 -34.40 33.42
C ARG C 122 11.00 -33.77 32.28
N HIS C 123 10.61 -34.12 31.05
CA HIS C 123 11.24 -33.53 29.88
C HIS C 123 10.89 -32.06 29.75
N LYS C 124 9.73 -31.65 30.29
CA LYS C 124 9.32 -30.25 30.20
C LYS C 124 10.26 -29.35 31.01
N VAL C 125 10.79 -29.85 32.12
CA VAL C 125 11.76 -29.07 32.90
C VAL C 125 13.02 -28.84 32.07
N HIS C 126 13.48 -29.88 31.37
CA HIS C 126 14.63 -29.73 30.48
C HIS C 126 14.33 -28.73 29.37
N ILE C 127 13.11 -28.77 28.83
CA ILE C 127 12.72 -27.80 27.80
C ILE C 127 12.75 -26.39 28.35
N SER C 128 12.23 -26.20 29.57
CA SER C 128 12.24 -24.88 30.17
C SER C 128 13.65 -24.37 30.40
N GLY C 129 14.54 -25.24 30.88
CA GLY C 129 15.92 -24.83 31.06
C GLY C 129 16.59 -24.47 29.74
N THR C 130 16.34 -25.25 28.70
CA THR C 130 16.89 -24.94 27.38
C THR C 130 16.37 -23.60 26.87
N LEU C 131 15.08 -23.33 27.08
CA LEU C 131 14.53 -22.05 26.68
C LEU C 131 15.16 -20.91 27.47
N TRP C 132 15.42 -21.14 28.77
CA TRP C 132 16.05 -20.12 29.59
C TRP C 132 17.43 -19.76 29.05
N TRP C 133 18.25 -20.78 28.77
CA TRP C 133 19.58 -20.52 28.22
C TRP C 133 19.49 -19.87 26.85
N THR C 134 18.55 -20.32 26.03
CA THR C 134 18.38 -19.72 24.71
C THR C 134 18.05 -18.24 24.81
N TYR C 135 17.15 -17.87 25.71
CA TYR C 135 16.78 -16.47 25.86
C TYR C 135 17.96 -15.65 26.34
N VAL C 136 18.69 -16.14 27.34
CA VAL C 136 19.80 -15.38 27.89
C VAL C 136 20.87 -15.14 26.82
N ILE C 137 21.21 -16.18 26.08
CA ILE C 137 22.22 -16.04 25.03
C ILE C 137 21.72 -15.11 23.93
N SER C 138 20.42 -15.17 23.63
CA SER C 138 19.87 -14.29 22.62
C SER C 138 19.99 -12.82 23.04
N VAL C 139 19.72 -12.54 24.31
CA VAL C 139 19.84 -11.17 24.80
C VAL C 139 21.29 -10.72 24.73
N VAL C 140 22.23 -11.61 25.06
CA VAL C 140 23.64 -11.25 24.96
C VAL C 140 24.02 -10.93 23.53
N PHE C 141 23.54 -11.74 22.58
CA PHE C 141 23.81 -11.45 21.18
C PHE C 141 23.17 -10.14 20.75
N ARG C 142 21.96 -9.88 21.22
CA ARG C 142 21.30 -8.61 20.89
C ARG C 142 22.10 -7.43 21.42
N LEU C 143 22.61 -7.56 22.65
CA LEU C 143 23.46 -6.51 23.21
C LEU C 143 24.72 -6.33 22.40
N LEU C 144 25.36 -7.43 21.99
CA LEU C 144 26.58 -7.33 21.20
C LEU C 144 26.31 -6.67 19.86
N PHE C 145 25.19 -7.02 19.21
CA PHE C 145 24.87 -6.40 17.93
C PHE C 145 24.64 -4.91 18.09
N GLU C 146 23.93 -4.50 19.14
CA GLU C 146 23.72 -3.09 19.40
C GLU C 146 25.05 -2.36 19.61
N ALA C 147 25.93 -2.95 20.41
CA ALA C 147 27.22 -2.33 20.66
C ALA C 147 28.05 -2.23 19.39
N VAL C 148 28.02 -3.29 18.57
CA VAL C 148 28.80 -3.28 17.33
C VAL C 148 28.29 -2.20 16.38
N PHE C 149 26.97 -2.10 16.24
CA PHE C 149 26.43 -1.06 15.36
C PHE C 149 26.71 0.33 15.91
N MET C 150 26.69 0.48 17.23
CA MET C 150 27.06 1.76 17.83
C MET C 150 28.50 2.11 17.50
N TYR C 151 29.41 1.14 17.62
CA TYR C 151 30.80 1.40 17.29
C TYR C 151 30.99 1.70 15.80
N VAL C 152 30.25 0.97 14.95
CA VAL C 152 30.34 1.23 13.51
C VAL C 152 29.86 2.64 13.20
N PHE C 153 28.77 3.05 13.86
CA PHE C 153 28.26 4.41 13.66
C PHE C 153 29.30 5.43 14.09
N TYR C 154 29.98 5.19 15.21
CA TYR C 154 31.05 6.09 15.64
C TYR C 154 32.19 6.09 14.64
N LEU C 155 32.53 4.92 14.11
CA LEU C 155 33.67 4.83 13.19
C LEU C 155 33.40 5.54 11.88
N LEU C 156 32.22 5.32 11.31
CA LEU C 156 31.88 5.95 10.03
C LEU C 156 31.66 7.44 10.19
N TYR C 157 30.89 7.84 11.20
CA TYR C 157 30.49 9.23 11.41
C TYR C 157 30.92 9.66 12.80
N PRO C 158 32.11 10.22 12.96
CA PRO C 158 32.52 10.75 14.26
C PRO C 158 31.58 11.85 14.70
N GLY C 159 31.30 11.89 15.99
CA GLY C 159 30.35 12.85 16.52
C GLY C 159 28.92 12.41 16.31
N TYR C 160 28.01 13.36 16.52
CA TYR C 160 26.58 13.10 16.39
C TYR C 160 25.88 14.08 15.46
N ALA C 161 26.60 15.05 14.91
CA ALA C 161 26.00 16.10 14.11
C ALA C 161 26.33 15.90 12.63
N MET C 162 25.32 16.02 11.78
CA MET C 162 25.52 15.90 10.35
C MET C 162 26.37 17.05 9.84
N VAL C 163 27.34 16.72 8.98
CA VAL C 163 28.18 17.76 8.39
C VAL C 163 27.34 18.60 7.44
N ARG C 164 27.60 19.91 7.42
CA ARG C 164 26.85 20.80 6.56
C ARG C 164 27.40 20.79 5.14
N LEU C 165 28.68 21.13 4.98
CA LEU C 165 29.33 21.09 3.69
C LEU C 165 30.65 20.35 3.81
N VAL C 166 31.06 19.73 2.71
CA VAL C 166 32.31 18.97 2.65
C VAL C 166 33.11 19.45 1.45
N LYS C 167 34.43 19.26 1.53
CA LYS C 167 35.35 19.65 0.46
C LYS C 167 35.77 18.37 -0.26
N CYS C 168 34.98 17.96 -1.24
CA CYS C 168 35.26 16.72 -1.95
C CYS C 168 36.43 16.90 -2.91
N ASP C 169 37.23 15.84 -3.05
CA ASP C 169 38.35 15.84 -4.00
C ASP C 169 38.61 14.39 -4.38
N VAL C 170 38.16 14.00 -5.57
CA VAL C 170 38.28 12.64 -6.03
C VAL C 170 38.50 12.68 -7.55
N TYR C 171 38.74 11.52 -8.16
CA TYR C 171 39.20 11.51 -9.56
C TYR C 171 38.24 12.18 -10.53
N PRO C 172 36.95 11.86 -10.58
CA PRO C 172 36.07 12.55 -11.54
C PRO C 172 35.89 14.02 -11.24
N CYS C 173 36.21 14.48 -10.04
CA CYS C 173 35.98 15.87 -9.66
C CYS C 173 37.28 16.64 -9.74
N PRO C 174 37.44 17.56 -10.68
CA PRO C 174 38.61 18.44 -10.66
C PRO C 174 38.38 19.65 -9.76
N ASN C 175 39.49 20.28 -9.39
CA ASN C 175 39.52 21.57 -8.69
C ASN C 175 38.96 21.51 -7.28
N THR C 176 38.73 20.32 -6.72
CA THR C 176 38.30 20.16 -5.33
C THR C 176 37.02 20.94 -5.06
N VAL C 177 35.95 20.50 -5.72
CA VAL C 177 34.65 21.14 -5.55
C VAL C 177 34.10 20.81 -4.16
N ASP C 178 33.25 21.69 -3.65
CA ASP C 178 32.62 21.51 -2.35
C ASP C 178 31.16 21.10 -2.52
N CYS C 179 30.70 20.21 -1.66
CA CYS C 179 29.36 19.66 -1.73
C CYS C 179 28.58 20.03 -0.48
N PHE C 180 27.26 20.10 -0.63
CA PHE C 180 26.37 20.48 0.46
C PHE C 180 25.43 19.32 0.80
N VAL C 181 25.06 19.25 2.07
CA VAL C 181 24.20 18.18 2.58
C VAL C 181 22.83 18.76 2.84
N SER C 182 21.80 18.09 2.33
CA SER C 182 20.43 18.54 2.49
C SER C 182 19.91 18.20 3.88
N ARG C 183 19.18 19.13 4.47
CA ARG C 183 18.55 18.95 5.77
C ARG C 183 19.54 18.49 6.85
N PRO C 184 20.59 19.27 7.13
CA PRO C 184 21.57 18.80 8.11
C PRO C 184 21.04 18.82 9.53
N THR C 185 20.33 19.88 9.93
CA THR C 185 19.81 19.96 11.29
C THR C 185 18.73 18.91 11.54
N GLU C 186 17.85 18.71 10.56
CA GLU C 186 16.81 17.70 10.72
C GLU C 186 17.42 16.31 10.85
N LYS C 187 18.43 16.02 10.04
CA LYS C 187 19.11 14.73 10.14
C LYS C 187 19.81 14.57 11.48
N THR C 188 20.37 15.65 12.00
CA THR C 188 21.01 15.59 13.32
C THR C 188 19.99 15.22 14.38
N VAL C 189 18.79 15.79 14.31
CA VAL C 189 17.75 15.49 15.30
C VAL C 189 17.39 14.01 15.26
N PHE C 190 17.16 13.48 14.06
CA PHE C 190 16.81 12.07 13.96
C PHE C 190 17.98 11.17 14.36
N THR C 191 19.21 11.59 14.07
CA THR C 191 20.36 10.83 14.50
C THR C 191 20.41 10.72 16.01
N VAL C 192 20.14 11.82 16.71
CA VAL C 192 20.14 11.78 18.17
C VAL C 192 19.03 10.87 18.67
N PHE C 193 17.85 10.93 18.04
CA PHE C 193 16.76 10.07 18.46
C PHE C 193 17.12 8.59 18.29
N MET C 194 17.70 8.24 17.15
CA MET C 194 18.05 6.84 16.91
C MET C 194 19.16 6.38 17.84
N LEU C 195 20.17 7.22 18.06
CA LEU C 195 21.24 6.87 18.98
C LEU C 195 20.72 6.70 20.39
N ALA C 196 19.81 7.58 20.82
CA ALA C 196 19.24 7.47 22.15
C ALA C 196 18.44 6.18 22.30
N ALA C 197 17.65 5.82 21.28
CA ALA C 197 16.90 4.58 21.34
C ALA C 197 17.83 3.38 21.43
N SER C 198 18.91 3.38 20.64
CA SER C 198 19.87 2.28 20.70
C SER C 198 20.55 2.22 22.07
N GLY C 199 20.92 3.38 22.62
CA GLY C 199 21.57 3.38 23.92
C GLY C 199 20.68 2.84 25.02
N ILE C 200 19.41 3.24 25.03
CA ILE C 200 18.49 2.72 26.05
C ILE C 200 18.26 1.24 25.84
N CYS C 201 18.24 0.77 24.59
CA CYS C 201 18.14 -0.65 24.34
C CYS C 201 19.32 -1.40 24.94
N ILE C 202 20.53 -0.84 24.81
CA ILE C 202 21.70 -1.45 25.42
C ILE C 202 21.54 -1.54 26.92
N ILE C 203 21.08 -0.45 27.54
CA ILE C 203 20.90 -0.43 28.99
C ILE C 203 19.89 -1.49 29.42
N LEU C 204 18.77 -1.57 28.72
CA LEU C 204 17.74 -2.54 29.08
C LEU C 204 18.24 -3.98 28.90
N ASN C 205 18.99 -4.25 27.84
CA ASN C 205 19.51 -5.59 27.63
C ASN C 205 20.47 -5.98 28.75
N VAL C 206 21.35 -5.07 29.15
CA VAL C 206 22.24 -5.35 30.27
C VAL C 206 21.43 -5.60 31.54
N ALA C 207 20.39 -4.79 31.76
CA ALA C 207 19.57 -4.97 32.95
C ALA C 207 18.88 -6.32 32.95
N GLU C 208 18.38 -6.76 31.79
CA GLU C 208 17.72 -8.06 31.72
C GLU C 208 18.69 -9.19 32.04
N VAL C 209 19.90 -9.13 31.47
CA VAL C 209 20.89 -10.17 31.73
C VAL C 209 21.22 -10.23 33.21
N VAL C 210 21.48 -9.06 33.81
CA VAL C 210 21.82 -9.03 35.23
C VAL C 210 20.66 -9.52 36.08
N TYR C 211 19.44 -9.07 35.76
CA TYR C 211 18.28 -9.48 36.56
C TYR C 211 18.07 -10.98 36.48
N LEU C 212 18.16 -11.55 35.28
CA LEU C 212 17.96 -12.99 35.13
C LEU C 212 19.04 -13.77 35.87
N ILE C 213 20.30 -13.35 35.75
CA ILE C 213 21.38 -14.06 36.42
C ILE C 213 21.21 -13.98 37.93
N ILE C 214 20.87 -12.80 38.44
CA ILE C 214 20.70 -12.63 39.89
C ILE C 214 19.56 -13.52 40.39
N ARG C 215 18.44 -13.51 39.67
CA ARG C 215 17.30 -14.31 40.09
C ARG C 215 17.62 -15.80 40.02
N ALA C 216 18.33 -16.23 38.97
CA ALA C 216 18.69 -17.64 38.85
C ALA C 216 19.63 -18.06 39.96
N CYS C 217 20.64 -17.25 40.27
CA CYS C 217 21.56 -17.59 41.34
C CYS C 217 20.85 -17.63 42.69
N ALA C 218 19.93 -16.69 42.92
CA ALA C 218 19.16 -16.71 44.15
C ALA C 218 18.31 -17.98 44.25
N ARG C 219 17.72 -18.40 43.13
CA ARG C 219 16.94 -19.63 43.13
C ARG C 219 17.82 -20.84 43.39
N ARG C 220 19.05 -20.83 42.89
CA ARG C 220 19.97 -21.94 43.14
C ARG C 220 20.23 -22.10 44.64
N ALA C 221 20.41 -21.00 45.35
CA ALA C 221 20.63 -21.05 46.79
C ALA C 221 19.41 -21.56 47.53
N MET D 1 -2.13 -11.92 14.20
CA MET D 1 -0.86 -12.43 13.70
C MET D 1 -0.06 -13.03 14.84
N ASN D 2 -0.59 -14.09 15.43
CA ASN D 2 0.10 -14.75 16.54
C ASN D 2 1.30 -15.53 16.03
N TRP D 3 2.18 -15.89 16.97
CA TRP D 3 3.40 -16.60 16.59
C TRP D 3 3.11 -18.01 16.14
N THR D 4 2.10 -18.67 16.71
CA THR D 4 1.76 -20.01 16.25
C THR D 4 1.32 -19.99 14.79
N GLY D 5 0.55 -18.97 14.40
CA GLY D 5 0.13 -18.87 13.01
C GLY D 5 1.29 -18.67 12.06
N LEU D 6 2.21 -17.76 12.42
CA LEU D 6 3.36 -17.51 11.55
C LEU D 6 4.26 -18.73 11.47
N TYR D 7 4.50 -19.40 12.59
CA TYR D 7 5.32 -20.59 12.58
C TYR D 7 4.69 -21.69 11.74
N THR D 8 3.37 -21.89 11.88
CA THR D 8 2.70 -22.90 11.08
C THR D 8 2.75 -22.55 9.60
N LEU D 9 2.56 -21.27 9.27
CA LEU D 9 2.58 -20.87 7.86
C LEU D 9 3.94 -21.13 7.24
N LEU D 10 5.01 -20.78 7.93
CA LEU D 10 6.34 -20.98 7.37
C LEU D 10 6.75 -22.44 7.40
N SER D 11 6.19 -23.22 8.34
CA SER D 11 6.53 -24.63 8.40
C SER D 11 5.96 -25.41 7.22
N GLY D 12 4.82 -24.97 6.69
CA GLY D 12 4.14 -25.72 5.66
C GLY D 12 3.27 -26.84 6.17
N VAL D 13 3.07 -26.94 7.49
CA VAL D 13 2.30 -28.00 8.12
C VAL D 13 2.85 -29.34 7.67
N ASN D 14 4.17 -29.44 7.57
CA ASN D 14 4.84 -30.66 7.14
C ASN D 14 5.32 -31.42 8.36
N ARG D 15 4.83 -32.65 8.54
CA ARG D 15 5.14 -33.40 9.73
C ARG D 15 6.47 -34.13 9.64
N HIS D 16 7.17 -34.07 8.51
CA HIS D 16 8.46 -34.72 8.37
C HIS D 16 9.63 -33.78 8.52
N SER D 17 9.44 -32.48 8.34
CA SER D 17 10.53 -31.53 8.51
C SER D 17 10.97 -31.47 9.96
N THR D 18 12.28 -31.39 10.17
CA THR D 18 12.84 -31.35 11.50
C THR D 18 12.98 -29.91 11.97
N ALA D 19 13.56 -29.71 13.15
CA ALA D 19 13.68 -28.37 13.71
C ALA D 19 14.53 -27.45 12.85
N ILE D 20 15.36 -28.00 11.97
CA ILE D 20 16.18 -27.15 11.10
C ILE D 20 15.30 -26.36 10.15
N GLY D 21 14.34 -27.02 9.52
CA GLY D 21 13.45 -26.35 8.60
C GLY D 21 12.36 -25.56 9.30
N ARG D 22 11.86 -26.08 10.42
CA ARG D 22 10.81 -25.39 11.15
C ARG D 22 11.29 -24.05 11.68
N VAL D 23 12.51 -24.00 12.21
CA VAL D 23 13.01 -22.84 12.93
C VAL D 23 14.07 -22.09 12.13
N TRP D 24 15.18 -22.74 11.83
CA TRP D 24 16.32 -22.03 11.28
C TRP D 24 16.08 -21.61 9.83
N LEU D 25 15.55 -22.52 9.01
CA LEU D 25 15.32 -22.19 7.61
C LEU D 25 14.28 -21.09 7.47
N SER D 26 13.20 -21.17 8.24
CA SER D 26 12.16 -20.14 8.18
C SER D 26 12.71 -18.79 8.62
N VAL D 27 13.51 -18.78 9.68
CA VAL D 27 14.08 -17.52 10.16
C VAL D 27 14.98 -16.91 9.10
N ILE D 28 15.83 -17.73 8.47
CA ILE D 28 16.72 -17.20 7.46
C ILE D 28 15.94 -16.73 6.24
N PHE D 29 14.83 -17.39 5.91
CA PHE D 29 13.98 -16.89 4.84
C PHE D 29 13.42 -15.51 5.18
N ILE D 30 12.97 -15.33 6.42
CA ILE D 30 12.48 -14.02 6.84
C ILE D 30 13.60 -12.99 6.76
N PHE D 31 14.78 -13.35 7.25
CA PHE D 31 15.92 -12.43 7.22
C PHE D 31 16.28 -12.05 5.79
N ARG D 32 16.32 -13.05 4.90
CA ARG D 32 16.68 -12.79 3.51
C ARG D 32 15.62 -11.93 2.83
N ILE D 33 14.34 -12.17 3.13
CA ILE D 33 13.28 -11.35 2.55
C ILE D 33 13.42 -9.90 2.98
N MET D 34 13.68 -9.68 4.27
CA MET D 34 13.78 -8.30 4.76
C MET D 34 14.97 -7.58 4.15
N VAL D 35 16.13 -8.25 4.09
CA VAL D 35 17.31 -7.63 3.49
C VAL D 35 17.05 -7.34 2.02
N LEU D 36 16.42 -8.26 1.31
CA LEU D 36 16.13 -8.05 -0.10
C LEU D 36 15.18 -6.88 -0.29
N VAL D 37 14.17 -6.75 0.57
CA VAL D 37 13.24 -5.64 0.45
C VAL D 37 13.96 -4.31 0.65
N VAL D 38 14.83 -4.24 1.67
CA VAL D 38 15.57 -3.00 1.91
C VAL D 38 16.46 -2.68 0.72
N ALA D 39 17.18 -3.68 0.21
CA ALA D 39 18.07 -3.45 -0.92
C ALA D 39 17.30 -3.03 -2.17
N ALA D 40 16.18 -3.69 -2.44
CA ALA D 40 15.38 -3.35 -3.62
C ALA D 40 14.80 -1.95 -3.52
N GLU D 41 14.25 -1.60 -2.35
CA GLU D 41 13.56 -0.33 -2.23
C GLU D 41 14.51 0.86 -2.16
N SER D 42 15.68 0.69 -1.56
CA SER D 42 16.59 1.81 -1.36
C SER D 42 17.87 1.68 -2.18
N VAL D 43 18.63 0.61 -1.99
CA VAL D 43 19.99 0.55 -2.52
C VAL D 43 19.97 0.47 -4.04
N TRP D 44 19.35 -0.58 -4.57
CA TRP D 44 19.13 -0.69 -6.01
C TRP D 44 17.76 -0.06 -6.31
N GLY D 45 17.75 1.25 -6.39
CA GLY D 45 16.51 1.95 -6.70
C GLY D 45 16.35 2.06 -8.20
N ASP D 46 16.31 3.28 -8.73
CA ASP D 46 16.33 3.47 -10.17
C ASP D 46 17.77 3.24 -10.64
N GLU D 47 18.15 1.97 -10.64
CA GLU D 47 19.53 1.59 -10.93
C GLU D 47 19.93 1.99 -12.35
N LYS D 48 18.96 2.09 -13.26
CA LYS D 48 19.26 2.58 -14.60
C LYS D 48 19.80 4.01 -14.56
N SER D 49 19.14 4.88 -13.79
CA SER D 49 19.58 6.27 -13.72
C SER D 49 20.81 6.45 -12.83
N SER D 50 20.95 5.63 -11.79
CA SER D 50 22.09 5.77 -10.90
C SER D 50 23.39 5.49 -11.64
N PHE D 51 23.43 4.43 -12.44
CA PHE D 51 24.60 4.11 -13.25
C PHE D 51 24.79 5.20 -14.29
N ILE D 52 25.84 6.00 -14.15
CA ILE D 52 26.05 7.16 -15.00
C ILE D 52 27.39 7.04 -15.71
N CYS D 53 27.48 7.67 -16.88
CA CYS D 53 28.68 7.68 -17.69
C CYS D 53 28.97 9.11 -18.15
N ASN D 54 30.25 9.41 -18.33
CA ASN D 54 30.65 10.75 -18.79
C ASN D 54 30.57 10.80 -20.32
N THR D 55 29.35 10.82 -20.81
CA THR D 55 29.10 10.86 -22.25
C THR D 55 27.81 11.60 -22.50
N LEU D 56 27.65 12.03 -23.76
CA LEU D 56 26.48 12.80 -24.16
C LEU D 56 25.64 12.12 -25.23
N GLN D 57 26.14 11.09 -25.89
CA GLN D 57 25.38 10.42 -26.92
C GLN D 57 24.27 9.59 -26.29
N PRO D 58 23.01 9.82 -26.67
CA PRO D 58 21.91 9.09 -26.04
C PRO D 58 22.02 7.59 -26.25
N GLY D 59 21.59 6.83 -25.25
CA GLY D 59 21.60 5.39 -25.31
C GLY D 59 22.91 4.75 -24.91
N CYS D 60 24.00 5.53 -24.83
CA CYS D 60 25.28 4.96 -24.43
C CYS D 60 25.23 4.42 -23.00
N ASN D 61 24.58 5.17 -22.10
CA ASN D 61 24.48 4.73 -20.72
C ASN D 61 23.69 3.42 -20.62
N SER D 62 22.60 3.31 -21.36
CA SER D 62 21.77 2.11 -21.29
C SER D 62 22.55 0.88 -21.75
N VAL D 63 23.27 1.01 -22.87
CA VAL D 63 24.00 -0.15 -23.39
C VAL D 63 25.12 -0.54 -22.45
N CYS D 64 25.83 0.44 -21.88
CA CYS D 64 26.91 0.12 -20.95
C CYS D 64 26.38 -0.60 -19.72
N TYR D 65 25.27 -0.13 -19.17
CA TYR D 65 24.70 -0.78 -18.00
C TYR D 65 24.29 -2.20 -18.31
N ASP D 66 23.70 -2.43 -19.48
CA ASP D 66 23.37 -3.79 -19.89
C ASP D 66 24.61 -4.63 -20.13
N GLN D 67 25.69 -4.02 -20.62
CA GLN D 67 26.88 -4.77 -20.98
C GLN D 67 27.63 -5.24 -19.74
N PHE D 68 27.68 -4.41 -18.69
CA PHE D 68 28.40 -4.77 -17.48
C PHE D 68 27.51 -5.39 -16.41
N PHE D 69 26.21 -5.17 -16.47
CA PHE D 69 25.26 -5.75 -15.52
C PHE D 69 24.14 -6.41 -16.29
N PRO D 70 24.39 -7.59 -16.87
CA PRO D 70 23.32 -8.26 -17.62
C PRO D 70 22.08 -8.51 -16.80
N ILE D 71 22.23 -8.87 -15.53
CA ILE D 71 21.12 -9.02 -14.61
C ILE D 71 21.51 -8.34 -13.31
N SER D 72 20.69 -7.38 -12.88
CA SER D 72 20.98 -6.69 -11.63
C SER D 72 20.83 -7.64 -10.45
N HIS D 73 21.55 -7.35 -9.38
CA HIS D 73 21.66 -8.28 -8.26
C HIS D 73 20.31 -8.55 -7.62
N VAL D 74 19.48 -7.52 -7.48
CA VAL D 74 18.20 -7.72 -6.81
C VAL D 74 17.30 -8.63 -7.60
N ARG D 75 17.25 -8.46 -8.93
CA ARG D 75 16.43 -9.34 -9.76
C ARG D 75 16.91 -10.78 -9.65
N LEU D 76 18.22 -10.98 -9.63
CA LEU D 76 18.76 -12.32 -9.48
C LEU D 76 18.38 -12.91 -8.13
N TRP D 77 18.45 -12.11 -7.07
CA TRP D 77 18.02 -12.60 -5.75
C TRP D 77 16.50 -12.79 -5.70
N SER D 78 15.76 -11.95 -6.42
CA SER D 78 14.32 -12.12 -6.49
C SER D 78 13.95 -13.43 -7.16
N LEU D 79 14.57 -13.71 -8.31
CA LEU D 79 14.36 -14.98 -8.98
C LEU D 79 14.84 -16.13 -8.11
N GLN D 80 15.99 -15.97 -7.46
CA GLN D 80 16.48 -17.02 -6.58
C GLN D 80 15.50 -17.30 -5.45
N LEU D 81 14.98 -16.24 -4.84
CA LEU D 81 14.03 -16.43 -3.74
C LEU D 81 12.77 -17.12 -4.22
N ILE D 82 12.25 -16.74 -5.39
CA ILE D 82 11.06 -17.38 -5.93
C ILE D 82 11.34 -18.85 -6.24
N LEU D 83 12.45 -19.13 -6.90
CA LEU D 83 12.75 -20.50 -7.30
C LEU D 83 12.96 -21.41 -6.10
N VAL D 84 13.74 -20.95 -5.11
CA VAL D 84 13.99 -21.79 -3.94
C VAL D 84 12.77 -21.89 -3.04
N SER D 85 11.85 -20.93 -3.13
CA SER D 85 10.62 -21.02 -2.36
C SER D 85 9.58 -21.90 -3.04
N THR D 86 9.72 -22.16 -4.33
CA THR D 86 8.73 -22.96 -5.05
C THR D 86 8.58 -24.37 -4.49
N PRO D 87 9.65 -25.15 -4.26
CA PRO D 87 9.44 -26.50 -3.69
C PRO D 87 8.76 -26.49 -2.34
N ALA D 88 9.03 -25.49 -1.50
CA ALA D 88 8.31 -25.38 -0.24
C ALA D 88 6.82 -25.15 -0.49
N LEU D 89 6.50 -24.33 -1.49
CA LEU D 89 5.10 -24.11 -1.85
C LEU D 89 4.47 -25.41 -2.34
N LEU D 90 5.19 -26.19 -3.15
CA LEU D 90 4.65 -27.44 -3.64
C LEU D 90 4.37 -28.42 -2.52
N VAL D 91 5.29 -28.52 -1.55
CA VAL D 91 5.08 -29.43 -0.43
C VAL D 91 3.89 -29.00 0.39
N ALA D 92 3.75 -27.68 0.64
CA ALA D 92 2.62 -27.20 1.40
C ALA D 92 1.30 -27.51 0.71
N MET D 93 1.25 -27.30 -0.60
CA MET D 93 0.03 -27.62 -1.34
C MET D 93 -0.25 -29.11 -1.34
N HIS D 94 0.81 -29.93 -1.44
CA HIS D 94 0.61 -31.38 -1.38
C HIS D 94 0.03 -31.80 -0.04
N VAL D 95 0.55 -31.23 1.06
CA VAL D 95 0.03 -31.59 2.37
C VAL D 95 -1.42 -31.16 2.51
N ALA D 96 -1.74 -29.94 2.05
CA ALA D 96 -3.11 -29.47 2.11
C ALA D 96 -4.04 -30.35 1.28
N HIS D 97 -3.59 -30.74 0.09
CA HIS D 97 -4.42 -31.59 -0.76
C HIS D 97 -4.63 -32.95 -0.13
N GLN D 98 -3.59 -33.54 0.47
CA GLN D 98 -3.75 -34.83 1.12
C GLN D 98 -4.70 -34.73 2.30
N GLN D 99 -4.64 -33.63 3.05
CA GLN D 99 -5.61 -33.42 4.12
C GLN D 99 -7.02 -33.33 3.57
N HIS D 100 -7.19 -32.64 2.45
CA HIS D 100 -8.51 -32.55 1.83
C HIS D 100 -9.02 -33.92 1.40
N ILE D 101 -8.16 -34.72 0.77
CA ILE D 101 -8.55 -36.04 0.31
C ILE D 101 -8.95 -36.91 1.51
N GLU D 102 -8.16 -36.87 2.57
CA GLU D 102 -8.51 -37.59 3.79
C GLU D 102 -9.84 -37.08 4.36
N LYS D 103 -10.04 -35.76 4.29
CA LYS D 103 -11.28 -35.18 4.83
C LYS D 103 -12.50 -35.64 4.04
N LYS D 104 -12.32 -35.99 2.77
CA LYS D 104 -13.46 -36.46 1.98
C LYS D 104 -14.03 -37.75 2.56
N MET D 105 -13.17 -38.67 2.98
CA MET D 105 -13.64 -39.90 3.60
C MET D 105 -13.60 -39.79 5.13
N ARG D 122 -2.27 -49.49 6.30
CA ARG D 122 -3.34 -48.58 5.90
C ARG D 122 -2.87 -47.68 4.77
N HIS D 123 -3.84 -47.00 4.13
CA HIS D 123 -3.49 -46.07 3.07
C HIS D 123 -2.80 -44.83 3.63
N LYS D 124 -3.05 -44.50 4.90
CA LYS D 124 -2.40 -43.34 5.50
C LYS D 124 -0.90 -43.54 5.65
N VAL D 125 -0.45 -44.78 5.89
CA VAL D 125 0.98 -45.05 5.93
C VAL D 125 1.62 -44.80 4.57
N HIS D 126 0.94 -45.22 3.51
CA HIS D 126 1.43 -44.94 2.16
C HIS D 126 1.47 -43.44 1.89
N ILE D 127 0.46 -42.72 2.37
CA ILE D 127 0.45 -41.27 2.21
C ILE D 127 1.63 -40.65 2.94
N SER D 128 1.90 -41.10 4.17
CA SER D 128 3.01 -40.56 4.93
C SER D 128 4.34 -40.84 4.23
N GLY D 129 4.51 -42.04 3.70
CA GLY D 129 5.73 -42.35 2.97
C GLY D 129 5.89 -41.49 1.73
N THR D 130 4.79 -41.28 1.00
CA THR D 130 4.85 -40.42 -0.18
C THR D 130 5.21 -38.99 0.20
N LEU D 131 4.64 -38.50 1.31
CA LEU D 131 4.99 -37.16 1.78
C LEU D 131 6.46 -37.09 2.17
N TRP D 132 6.97 -38.16 2.80
CA TRP D 132 8.38 -38.18 3.18
C TRP D 132 9.28 -38.06 1.97
N TRP D 133 9.02 -38.86 0.94
CA TRP D 133 9.82 -38.78 -0.28
C TRP D 133 9.66 -37.44 -0.96
N THR D 134 8.44 -36.89 -0.97
CA THR D 134 8.21 -35.60 -1.59
C THR D 134 9.03 -34.52 -0.89
N TYR D 135 9.05 -34.53 0.44
CA TYR D 135 9.81 -33.53 1.17
C TYR D 135 11.30 -33.66 0.91
N VAL D 136 11.83 -34.88 0.93
CA VAL D 136 13.26 -35.08 0.73
C VAL D 136 13.68 -34.59 -0.65
N ILE D 137 12.91 -34.97 -1.68
CA ILE D 137 13.24 -34.55 -3.03
C ILE D 137 13.11 -33.03 -3.17
N SER D 138 12.12 -32.44 -2.49
CA SER D 138 11.97 -31.00 -2.54
C SER D 138 13.18 -30.29 -1.94
N VAL D 139 13.70 -30.81 -0.83
CA VAL D 139 14.87 -30.20 -0.22
C VAL D 139 16.08 -30.33 -1.15
N VAL D 140 16.21 -31.48 -1.81
CA VAL D 140 17.31 -31.65 -2.76
C VAL D 140 17.20 -30.64 -3.89
N PHE D 141 15.99 -30.45 -4.41
CA PHE D 141 15.80 -29.45 -5.46
C PHE D 141 16.09 -28.05 -4.95
N ARG D 142 15.68 -27.74 -3.72
CA ARG D 142 15.98 -26.44 -3.15
C ARG D 142 17.49 -26.23 -3.03
N LEU D 143 18.20 -27.26 -2.59
CA LEU D 143 19.65 -27.18 -2.51
C LEU D 143 20.27 -26.97 -3.89
N LEU D 144 19.78 -27.69 -4.90
CA LEU D 144 20.31 -27.53 -6.25
C LEU D 144 20.06 -26.13 -6.78
N PHE D 145 18.86 -25.58 -6.54
CA PHE D 145 18.57 -24.23 -6.99
C PHE D 145 19.47 -23.21 -6.32
N GLU D 146 19.70 -23.37 -5.02
CA GLU D 146 20.61 -22.46 -4.31
C GLU D 146 22.02 -22.55 -4.89
N ALA D 147 22.50 -23.77 -5.13
CA ALA D 147 23.84 -23.93 -5.69
C ALA D 147 23.93 -23.34 -7.09
N VAL D 148 22.89 -23.54 -7.91
CA VAL D 148 22.91 -23.02 -9.27
C VAL D 148 22.93 -21.49 -9.26
N PHE D 149 22.11 -20.88 -8.41
CA PHE D 149 22.10 -19.42 -8.34
C PHE D 149 23.42 -18.90 -7.80
N MET D 150 24.03 -19.63 -6.86
CA MET D 150 25.34 -19.22 -6.37
C MET D 150 26.38 -19.27 -7.49
N TYR D 151 26.35 -20.33 -8.31
CA TYR D 151 27.28 -20.41 -9.42
C TYR D 151 27.01 -19.33 -10.46
N VAL D 152 25.74 -19.05 -10.72
CA VAL D 152 25.40 -17.98 -11.67
C VAL D 152 25.91 -16.64 -11.16
N PHE D 153 25.75 -16.40 -9.85
CA PHE D 153 26.25 -15.16 -9.27
C PHE D 153 27.76 -15.07 -9.41
N TYR D 154 28.46 -16.18 -9.20
CA TYR D 154 29.91 -16.19 -9.42
C TYR D 154 30.25 -15.94 -10.87
N LEU D 155 29.48 -16.53 -11.79
CA LEU D 155 29.80 -16.40 -13.21
C LEU D 155 29.58 -14.98 -13.70
N LEU D 156 28.46 -14.37 -13.33
CA LEU D 156 28.17 -13.01 -13.79
C LEU D 156 29.08 -12.00 -13.11
N TYR D 157 29.24 -12.10 -11.80
CA TYR D 157 30.00 -11.13 -11.01
C TYR D 157 31.11 -11.86 -10.25
N PRO D 158 32.29 -11.98 -10.83
CA PRO D 158 33.41 -12.57 -10.10
C PRO D 158 33.72 -11.76 -8.84
N GLY D 159 34.07 -12.46 -7.78
CA GLY D 159 34.32 -11.81 -6.52
C GLY D 159 33.02 -11.49 -5.78
N TYR D 160 33.16 -10.67 -4.75
CA TYR D 160 32.02 -10.28 -3.93
C TYR D 160 31.88 -8.77 -3.80
N ALA D 161 32.75 -7.98 -4.39
CA ALA D 161 32.76 -6.54 -4.23
C ALA D 161 32.26 -5.86 -5.50
N MET D 162 31.38 -4.90 -5.33
CA MET D 162 30.86 -4.14 -6.47
C MET D 162 31.97 -3.31 -7.09
N VAL D 163 32.04 -3.32 -8.41
CA VAL D 163 33.02 -2.50 -9.11
C VAL D 163 32.68 -1.03 -8.94
N ARG D 164 33.71 -0.20 -8.77
CA ARG D 164 33.49 1.23 -8.58
C ARG D 164 33.27 1.93 -9.92
N LEU D 165 34.25 1.83 -10.81
CA LEU D 165 34.14 2.40 -12.14
C LEU D 165 34.54 1.37 -13.18
N VAL D 166 33.96 1.48 -14.37
CA VAL D 166 34.22 0.57 -15.47
C VAL D 166 34.59 1.40 -16.71
N LYS D 167 35.32 0.78 -17.61
CA LYS D 167 35.75 1.41 -18.86
C LYS D 167 34.90 0.82 -19.98
N CYS D 168 33.73 1.43 -20.20
CA CYS D 168 32.81 0.92 -21.21
C CYS D 168 33.29 1.27 -22.61
N ASP D 169 33.05 0.35 -23.54
CA ASP D 169 33.39 0.56 -24.95
C ASP D 169 32.44 -0.29 -25.78
N VAL D 170 31.44 0.35 -26.36
CA VAL D 170 30.42 -0.35 -27.13
C VAL D 170 30.00 0.57 -28.28
N TYR D 171 29.14 0.07 -29.18
CA TYR D 171 28.88 0.79 -30.43
C TYR D 171 28.34 2.19 -30.23
N PRO D 172 27.28 2.44 -29.46
CA PRO D 172 26.81 3.82 -29.30
C PRO D 172 27.78 4.72 -28.57
N CYS D 173 28.77 4.17 -27.87
CA CYS D 173 29.69 4.97 -27.09
C CYS D 173 31.00 5.12 -27.83
N PRO D 174 31.35 6.31 -28.33
CA PRO D 174 32.68 6.51 -28.88
C PRO D 174 33.69 6.86 -27.79
N ASN D 175 34.96 6.69 -28.14
CA ASN D 175 36.12 7.13 -27.35
C ASN D 175 36.27 6.38 -26.03
N THR D 176 35.55 5.28 -25.81
CA THR D 176 35.71 4.43 -24.63
C THR D 176 35.52 5.24 -23.35
N VAL D 177 34.29 5.72 -23.18
CA VAL D 177 33.95 6.49 -21.98
C VAL D 177 33.92 5.57 -20.76
N ASP D 178 34.16 6.14 -19.60
CA ASP D 178 34.16 5.40 -18.34
C ASP D 178 32.89 5.72 -17.56
N CYS D 179 32.34 4.71 -16.90
CA CYS D 179 31.09 4.83 -16.17
C CYS D 179 31.33 4.56 -14.70
N PHE D 180 30.48 5.16 -13.86
CA PHE D 180 30.59 5.02 -12.41
C PHE D 180 29.36 4.32 -11.85
N VAL D 181 29.56 3.59 -10.76
CA VAL D 181 28.51 2.81 -10.12
C VAL D 181 28.12 3.52 -8.83
N SER D 182 26.82 3.72 -8.64
CA SER D 182 26.32 4.40 -7.46
C SER D 182 26.29 3.46 -6.27
N ARG D 183 26.69 3.98 -5.12
CA ARG D 183 26.67 3.25 -3.86
C ARG D 183 27.41 1.91 -3.95
N PRO D 184 28.71 1.92 -4.28
CA PRO D 184 29.41 0.63 -4.43
C PRO D 184 29.64 -0.07 -3.10
N THR D 185 30.03 0.66 -2.06
CA THR D 185 30.30 0.02 -0.78
C THR D 185 29.01 -0.50 -0.15
N GLU D 186 27.93 0.28 -0.24
CA GLU D 186 26.65 -0.17 0.31
C GLU D 186 26.17 -1.44 -0.40
N LYS D 187 26.30 -1.46 -1.73
CA LYS D 187 25.92 -2.65 -2.48
C LYS D 187 26.78 -3.85 -2.12
N THR D 188 28.07 -3.62 -1.86
CA THR D 188 28.94 -4.70 -1.43
C THR D 188 28.47 -5.29 -0.12
N VAL D 189 28.04 -4.44 0.82
CA VAL D 189 27.57 -4.92 2.12
C VAL D 189 26.35 -5.81 1.94
N PHE D 190 25.38 -5.34 1.15
CA PHE D 190 24.18 -6.14 0.95
C PHE D 190 24.47 -7.41 0.16
N THR D 191 25.43 -7.36 -0.77
CA THR D 191 25.82 -8.55 -1.50
C THR D 191 26.37 -9.60 -0.55
N VAL D 192 27.20 -9.19 0.40
CA VAL D 192 27.75 -10.14 1.38
C VAL D 192 26.63 -10.72 2.23
N PHE D 193 25.67 -9.88 2.64
CA PHE D 193 24.56 -10.37 3.45
C PHE D 193 23.75 -11.41 2.68
N MET D 194 23.43 -11.13 1.42
CA MET D 194 22.64 -12.07 0.64
C MET D 194 23.40 -13.36 0.37
N LEU D 195 24.69 -13.25 0.04
CA LEU D 195 25.50 -14.44 -0.19
C LEU D 195 25.61 -15.27 1.09
N ALA D 196 25.77 -14.62 2.23
CA ALA D 196 25.85 -15.35 3.48
C ALA D 196 24.55 -16.08 3.78
N ALA D 197 23.41 -15.41 3.56
CA ALA D 197 22.13 -16.06 3.78
C ALA D 197 21.96 -17.27 2.87
N SER D 198 22.34 -17.13 1.60
CA SER D 198 22.24 -18.26 0.68
C SER D 198 23.17 -19.40 1.10
N GLY D 199 24.39 -19.07 1.53
CA GLY D 199 25.31 -20.11 1.95
C GLY D 199 24.82 -20.89 3.15
N ILE D 200 24.28 -20.18 4.15
CA ILE D 200 23.75 -20.88 5.32
C ILE D 200 22.53 -21.70 4.94
N CYS D 201 21.71 -21.22 3.99
CA CYS D 201 20.61 -22.02 3.51
C CYS D 201 21.09 -23.32 2.89
N ILE D 202 22.19 -23.25 2.13
CA ILE D 202 22.76 -24.46 1.54
C ILE D 202 23.20 -25.43 2.64
N ILE D 203 23.86 -24.90 3.67
CA ILE D 203 24.33 -25.75 4.76
C ILE D 203 23.15 -26.41 5.47
N LEU D 204 22.10 -25.64 5.75
CA LEU D 204 20.95 -26.21 6.44
C LEU D 204 20.24 -27.26 5.59
N ASN D 205 20.13 -27.02 4.28
CA ASN D 205 19.48 -28.01 3.43
C ASN D 205 20.27 -29.31 3.40
N VAL D 206 21.59 -29.22 3.31
CA VAL D 206 22.41 -30.43 3.36
C VAL D 206 22.23 -31.13 4.70
N ALA D 207 22.19 -30.37 5.79
CA ALA D 207 22.00 -30.96 7.10
C ALA D 207 20.66 -31.68 7.21
N GLU D 208 19.61 -31.07 6.67
CA GLU D 208 18.29 -31.71 6.72
C GLU D 208 18.28 -33.02 5.95
N VAL D 209 18.87 -33.03 4.75
CA VAL D 209 18.90 -34.25 3.96
C VAL D 209 19.66 -35.34 4.71
N VAL D 210 20.84 -35.00 5.24
CA VAL D 210 21.64 -35.99 5.97
C VAL D 210 20.90 -36.48 7.20
N TYR D 211 20.30 -35.56 7.95
CA TYR D 211 19.60 -35.95 9.17
C TYR D 211 18.44 -36.88 8.87
N LEU D 212 17.64 -36.53 7.85
CA LEU D 212 16.50 -37.38 7.50
C LEU D 212 16.95 -38.76 7.02
N ILE D 213 17.99 -38.81 6.19
CA ILE D 213 18.47 -40.09 5.70
C ILE D 213 19.00 -40.94 6.84
N ILE D 214 19.77 -40.33 7.74
CA ILE D 214 20.33 -41.07 8.86
C ILE D 214 19.21 -41.62 9.75
N ARG D 215 18.23 -40.78 10.06
CA ARG D 215 17.14 -41.22 10.91
C ARG D 215 16.32 -42.32 10.23
N ALA D 216 16.07 -42.18 8.93
CA ALA D 216 15.32 -43.21 8.22
C ALA D 216 16.07 -44.53 8.19
N CYS D 217 17.37 -44.50 7.92
CA CYS D 217 18.16 -45.73 7.90
C CYS D 217 18.20 -46.37 9.28
N ALA D 218 18.33 -45.55 10.33
CA ALA D 218 18.31 -46.09 11.68
C ALA D 218 16.97 -46.74 11.99
N ARG D 219 15.87 -46.12 11.54
CA ARG D 219 14.56 -46.72 11.75
C ARG D 219 14.40 -48.02 10.98
N ARG D 220 15.01 -48.12 9.80
CA ARG D 220 14.95 -49.36 9.03
C ARG D 220 15.59 -50.51 9.79
N ALA D 221 16.71 -50.25 10.45
CA ALA D 221 17.38 -51.28 11.24
C ALA D 221 16.55 -51.69 12.44
N MET E 1 -3.75 -16.57 7.73
CA MET E 1 -3.48 -17.03 6.38
C MET E 1 -2.92 -18.45 6.41
N ASN E 2 -3.73 -19.38 6.89
CA ASN E 2 -3.30 -20.77 6.98
C ASN E 2 -3.25 -21.40 5.59
N TRP E 3 -2.56 -22.54 5.51
CA TRP E 3 -2.41 -23.21 4.22
C TRP E 3 -3.71 -23.81 3.73
N THR E 4 -4.57 -24.28 4.63
CA THR E 4 -5.86 -24.81 4.20
C THR E 4 -6.69 -23.72 3.54
N GLY E 5 -6.66 -22.51 4.09
CA GLY E 5 -7.39 -21.41 3.48
C GLY E 5 -6.89 -21.07 2.10
N LEU E 6 -5.57 -20.97 1.94
CA LEU E 6 -5.01 -20.63 0.64
C LEU E 6 -5.28 -21.73 -0.38
N TYR E 7 -5.13 -22.99 0.03
CA TYR E 7 -5.41 -24.10 -0.87
C TYR E 7 -6.87 -24.12 -1.30
N THR E 8 -7.78 -23.90 -0.34
CA THR E 8 -9.20 -23.86 -0.69
C THR E 8 -9.51 -22.70 -1.62
N LEU E 9 -8.92 -21.53 -1.36
CA LEU E 9 -9.18 -20.37 -2.20
C LEU E 9 -8.73 -20.62 -3.63
N LEU E 10 -7.53 -21.17 -3.81
CA LEU E 10 -7.05 -21.41 -5.17
C LEU E 10 -7.76 -22.58 -5.82
N SER E 11 -8.26 -23.54 -5.02
CA SER E 11 -8.96 -24.67 -5.60
C SER E 11 -10.30 -24.27 -6.20
N GLY E 12 -10.94 -23.24 -5.64
CA GLY E 12 -12.27 -22.87 -6.06
C GLY E 12 -13.37 -23.68 -5.42
N VAL E 13 -13.05 -24.52 -4.43
CA VAL E 13 -14.00 -25.39 -3.77
C VAL E 13 -14.72 -26.23 -4.82
N ASN E 14 -13.99 -26.68 -5.82
CA ASN E 14 -14.54 -27.48 -6.90
C ASN E 14 -14.26 -28.96 -6.62
N ARG E 15 -15.32 -29.75 -6.50
CA ARG E 15 -15.16 -31.14 -6.13
C ARG E 15 -14.83 -32.04 -7.31
N HIS E 16 -14.79 -31.51 -8.53
CA HIS E 16 -14.45 -32.32 -9.70
C HIS E 16 -13.01 -32.16 -10.14
N SER E 17 -12.35 -31.08 -9.78
CA SER E 17 -10.96 -30.88 -10.17
C SER E 17 -10.07 -31.92 -9.49
N THR E 18 -9.10 -32.44 -10.23
CA THR E 18 -8.20 -33.45 -9.73
C THR E 18 -6.98 -32.77 -9.11
N ALA E 19 -6.01 -33.59 -8.68
CA ALA E 19 -4.82 -33.06 -8.02
C ALA E 19 -4.00 -32.15 -8.93
N ILE E 20 -4.18 -32.26 -10.25
CA ILE E 20 -3.44 -31.40 -11.17
C ILE E 20 -3.84 -29.95 -10.98
N GLY E 21 -5.14 -29.68 -10.92
CA GLY E 21 -5.62 -28.33 -10.72
C GLY E 21 -5.52 -27.86 -9.29
N ARG E 22 -5.73 -28.77 -8.34
CA ARG E 22 -5.66 -28.38 -6.93
C ARG E 22 -4.26 -27.95 -6.54
N VAL E 23 -3.25 -28.66 -7.02
CA VAL E 23 -1.87 -28.48 -6.57
C VAL E 23 -1.01 -27.81 -7.64
N TRP E 24 -0.85 -28.46 -8.79
CA TRP E 24 0.14 -27.99 -9.75
C TRP E 24 -0.31 -26.71 -10.44
N LEU E 25 -1.57 -26.65 -10.88
CA LEU E 25 -2.04 -25.44 -11.56
C LEU E 25 -2.03 -24.24 -10.63
N SER E 26 -2.47 -24.42 -9.39
CA SER E 26 -2.47 -23.31 -8.44
C SER E 26 -1.06 -22.83 -8.14
N VAL E 27 -0.12 -23.77 -7.99
CA VAL E 27 1.27 -23.39 -7.72
C VAL E 27 1.83 -22.60 -8.89
N ILE E 28 1.58 -23.06 -10.12
CA ILE E 28 2.10 -22.34 -11.27
C ILE E 28 1.44 -20.98 -11.41
N PHE E 29 0.17 -20.86 -11.05
CA PHE E 29 -0.45 -19.54 -11.04
C PHE E 29 0.24 -18.61 -10.06
N ILE E 30 0.56 -19.12 -8.86
CA ILE E 30 1.28 -18.31 -7.89
C ILE E 30 2.64 -17.92 -8.43
N PHE E 31 3.35 -18.89 -9.02
CA PHE E 31 4.68 -18.61 -9.59
C PHE E 31 4.59 -17.56 -10.69
N ARG E 32 3.61 -17.70 -11.58
CA ARG E 32 3.47 -16.76 -12.68
C ARG E 32 3.10 -15.37 -12.17
N ILE E 33 2.25 -15.30 -11.15
CA ILE E 33 1.89 -14.01 -10.58
C ILE E 33 3.11 -13.32 -10.00
N MET E 34 3.93 -14.07 -9.25
CA MET E 34 5.11 -13.46 -8.62
C MET E 34 6.10 -12.97 -9.67
N VAL E 35 6.37 -13.79 -10.69
CA VAL E 35 7.30 -13.38 -11.74
C VAL E 35 6.75 -12.16 -12.46
N LEU E 36 5.45 -12.14 -12.75
CA LEU E 36 4.87 -11.00 -13.43
C LEU E 36 4.98 -9.74 -12.59
N VAL E 37 4.74 -9.85 -11.27
CA VAL E 37 4.85 -8.69 -10.40
C VAL E 37 6.27 -8.14 -10.41
N VAL E 38 7.26 -9.02 -10.31
CA VAL E 38 8.65 -8.57 -10.33
C VAL E 38 8.97 -7.90 -11.66
N ALA E 39 8.56 -8.52 -12.77
CA ALA E 39 8.84 -7.93 -14.08
C ALA E 39 8.15 -6.60 -14.27
N ALA E 40 6.89 -6.49 -13.84
CA ALA E 40 6.15 -5.25 -13.99
C ALA E 40 6.75 -4.14 -13.13
N GLU E 41 7.08 -4.45 -11.89
CA GLU E 41 7.54 -3.41 -10.97
C GLU E 41 8.96 -2.94 -11.27
N SER E 42 9.84 -3.84 -11.72
CA SER E 42 11.23 -3.49 -11.92
C SER E 42 11.64 -3.50 -13.38
N VAL E 43 11.49 -4.62 -14.08
CA VAL E 43 12.11 -4.79 -15.39
C VAL E 43 11.44 -3.87 -16.41
N TRP E 44 10.14 -4.06 -16.63
CA TRP E 44 9.37 -3.14 -17.46
C TRP E 44 8.80 -2.06 -16.55
N GLY E 45 9.63 -1.08 -16.23
CA GLY E 45 9.19 0.01 -15.39
C GLY E 45 8.57 1.09 -16.25
N ASP E 46 9.15 2.29 -16.24
CA ASP E 46 8.74 3.33 -17.18
C ASP E 46 9.32 2.98 -18.55
N GLU E 47 8.70 1.96 -19.16
CA GLU E 47 9.22 1.43 -20.41
C GLU E 47 9.19 2.47 -21.52
N LYS E 48 8.28 3.44 -21.43
CA LYS E 48 8.28 4.52 -22.40
C LYS E 48 9.58 5.31 -22.36
N SER E 49 10.05 5.65 -21.16
CA SER E 49 11.28 6.42 -21.03
C SER E 49 12.52 5.57 -21.24
N SER E 50 12.48 4.30 -20.86
CA SER E 50 13.65 3.44 -21.03
C SER E 50 14.00 3.27 -22.50
N PHE E 51 13.00 3.04 -23.34
CA PHE E 51 13.22 2.92 -24.78
C PHE E 51 13.66 4.28 -25.32
N ILE E 52 14.91 4.39 -25.73
CA ILE E 52 15.49 5.67 -26.13
C ILE E 52 15.99 5.58 -27.57
N CYS E 53 16.00 6.73 -28.24
CA CYS E 53 16.46 6.84 -29.61
C CYS E 53 17.41 8.03 -29.73
N ASN E 54 18.36 7.92 -30.66
CA ASN E 54 19.33 9.00 -30.88
C ASN E 54 18.71 10.03 -31.83
N THR E 55 17.75 10.78 -31.30
CA THR E 55 17.07 11.79 -32.09
C THR E 55 16.63 12.92 -31.16
N LEU E 56 16.33 14.07 -31.77
CA LEU E 56 15.94 15.25 -31.02
C LEU E 56 14.54 15.74 -31.33
N GLN E 57 13.91 15.27 -32.41
CA GLN E 57 12.57 15.72 -32.75
C GLN E 57 11.57 15.12 -31.77
N PRO E 58 10.77 15.94 -31.10
CA PRO E 58 9.83 15.40 -30.11
C PRO E 58 8.82 14.47 -30.74
N GLY E 59 8.44 13.44 -29.98
CA GLY E 59 7.46 12.47 -30.42
C GLY E 59 8.02 11.33 -31.23
N CYS E 60 9.26 11.46 -31.72
CA CYS E 60 9.86 10.37 -32.49
C CYS E 60 10.01 9.12 -31.65
N ASN E 61 10.46 9.28 -30.40
CA ASN E 61 10.63 8.13 -29.51
C ASN E 61 9.31 7.43 -29.26
N SER E 62 8.25 8.19 -29.03
CA SER E 62 6.96 7.59 -28.74
C SER E 62 6.45 6.76 -29.92
N VAL E 63 6.55 7.31 -31.13
CA VAL E 63 6.04 6.60 -32.29
C VAL E 63 6.87 5.34 -32.55
N CYS E 64 8.19 5.43 -32.41
CA CYS E 64 9.02 4.25 -32.62
C CYS E 64 8.70 3.15 -31.62
N TYR E 65 8.51 3.51 -30.35
CA TYR E 65 8.18 2.50 -29.35
C TYR E 65 6.85 1.85 -29.67
N ASP E 66 5.86 2.63 -30.10
CA ASP E 66 4.59 2.06 -30.51
C ASP E 66 4.73 1.21 -31.75
N GLN E 67 5.64 1.59 -32.67
CA GLN E 67 5.75 0.88 -33.93
C GLN E 67 6.40 -0.49 -33.75
N PHE E 68 7.39 -0.59 -32.86
CA PHE E 68 8.08 -1.85 -32.65
C PHE E 68 7.52 -2.66 -31.50
N PHE E 69 6.81 -2.03 -30.57
CA PHE E 69 6.20 -2.72 -29.44
C PHE E 69 4.74 -2.30 -29.35
N PRO E 70 3.89 -2.84 -30.23
CA PRO E 70 2.47 -2.47 -30.18
C PRO E 70 1.83 -2.74 -28.83
N ILE E 71 2.19 -3.86 -28.19
CA ILE E 71 1.74 -4.17 -26.85
C ILE E 71 2.95 -4.65 -26.06
N SER E 72 3.23 -3.98 -24.94
CA SER E 72 4.36 -4.38 -24.12
C SER E 72 4.09 -5.74 -23.49
N HIS E 73 5.17 -6.47 -23.20
CA HIS E 73 5.04 -7.86 -22.79
C HIS E 73 4.25 -7.99 -21.49
N VAL E 74 4.47 -7.08 -20.54
CA VAL E 74 3.80 -7.21 -19.25
C VAL E 74 2.29 -7.04 -19.41
N ARG E 75 1.86 -6.07 -20.22
CA ARG E 75 0.44 -5.88 -20.43
C ARG E 75 -0.17 -7.11 -21.09
N LEU E 76 0.53 -7.71 -22.05
CA LEU E 76 0.04 -8.92 -22.68
C LEU E 76 -0.07 -10.05 -21.67
N TRP E 77 0.92 -10.19 -20.79
CA TRP E 77 0.83 -11.21 -19.75
C TRP E 77 -0.23 -10.87 -18.72
N SER E 78 -0.43 -9.58 -18.46
CA SER E 78 -1.49 -9.17 -17.54
C SER E 78 -2.86 -9.53 -18.10
N LEU E 79 -3.09 -9.20 -19.37
CA LEU E 79 -4.34 -9.59 -20.02
C LEU E 79 -4.45 -11.10 -20.08
N GLN E 80 -3.37 -11.79 -20.40
CA GLN E 80 -3.40 -13.25 -20.44
C GLN E 80 -3.77 -13.83 -19.08
N LEU E 81 -3.17 -13.30 -18.02
CA LEU E 81 -3.47 -13.81 -16.68
C LEU E 81 -4.92 -13.56 -16.32
N ILE E 82 -5.44 -12.38 -16.64
CA ILE E 82 -6.84 -12.07 -16.34
C ILE E 82 -7.76 -12.99 -17.13
N LEU E 83 -7.50 -13.15 -18.43
CA LEU E 83 -8.38 -13.95 -19.27
C LEU E 83 -8.36 -15.41 -18.86
N VAL E 84 -7.19 -15.98 -18.62
CA VAL E 84 -7.13 -17.39 -18.24
C VAL E 84 -7.63 -17.61 -16.82
N SER E 85 -7.60 -16.58 -15.98
CA SER E 85 -8.15 -16.72 -14.64
C SER E 85 -9.66 -16.55 -14.61
N THR E 86 -10.26 -15.96 -15.65
CA THR E 86 -11.69 -15.73 -15.65
C THR E 86 -12.51 -17.02 -15.56
N PRO E 87 -12.26 -18.06 -16.35
CA PRO E 87 -13.08 -19.28 -16.20
C PRO E 87 -12.97 -19.90 -14.83
N ALA E 88 -11.80 -19.84 -14.18
CA ALA E 88 -11.70 -20.31 -12.80
C ALA E 88 -12.58 -19.50 -11.88
N LEU E 89 -12.63 -18.18 -12.09
CA LEU E 89 -13.52 -17.32 -11.32
C LEU E 89 -14.98 -17.70 -11.55
N LEU E 90 -15.35 -17.98 -12.81
CA LEU E 90 -16.72 -18.36 -13.11
C LEU E 90 -17.11 -19.65 -12.42
N VAL E 91 -16.22 -20.65 -12.44
CA VAL E 91 -16.52 -21.92 -11.80
C VAL E 91 -16.67 -21.73 -10.30
N ALA E 92 -15.79 -20.93 -9.69
CA ALA E 92 -15.87 -20.70 -8.25
C ALA E 92 -17.20 -20.03 -7.89
N MET E 93 -17.61 -19.03 -8.68
CA MET E 93 -18.89 -18.37 -8.41
C MET E 93 -20.05 -19.32 -8.63
N HIS E 94 -19.97 -20.17 -9.64
CA HIS E 94 -21.03 -21.16 -9.86
C HIS E 94 -21.16 -22.10 -8.68
N VAL E 95 -20.03 -22.58 -8.15
CA VAL E 95 -20.07 -23.49 -7.01
C VAL E 95 -20.66 -22.78 -5.80
N ALA E 96 -20.23 -21.54 -5.55
CA ALA E 96 -20.76 -20.79 -4.43
C ALA E 96 -22.26 -20.56 -4.58
N HIS E 97 -22.70 -20.22 -5.79
CA HIS E 97 -24.12 -20.00 -6.03
C HIS E 97 -24.93 -21.27 -5.82
N GLN E 98 -24.42 -22.41 -6.30
CA GLN E 98 -25.13 -23.67 -6.10
C GLN E 98 -25.21 -24.02 -4.63
N GLN E 99 -24.14 -23.75 -3.87
CA GLN E 99 -24.20 -23.96 -2.43
C GLN E 99 -25.25 -23.07 -1.80
N HIS E 100 -25.33 -21.82 -2.24
CA HIS E 100 -26.36 -20.92 -1.71
C HIS E 100 -27.76 -21.43 -2.02
N ILE E 101 -27.98 -21.87 -3.26
CA ILE E 101 -29.30 -22.37 -3.64
C ILE E 101 -29.67 -23.60 -2.81
N GLU E 102 -28.72 -24.52 -2.63
CA GLU E 102 -28.96 -25.66 -1.77
C GLU E 102 -29.23 -25.22 -0.34
N LYS E 103 -28.52 -24.19 0.13
CA LYS E 103 -28.70 -23.71 1.49
C LYS E 103 -30.09 -23.12 1.70
N LYS E 104 -30.71 -22.62 0.63
CA LYS E 104 -32.06 -22.06 0.76
C LYS E 104 -33.06 -23.12 1.19
N MET E 105 -32.95 -24.33 0.62
CA MET E 105 -33.83 -25.41 1.03
C MET E 105 -33.13 -26.33 2.04
N ARG E 122 -31.92 -37.65 -7.64
CA ARG E 122 -32.14 -36.40 -6.93
C ARG E 122 -31.69 -35.21 -7.75
N HIS E 123 -32.10 -34.01 -7.34
CA HIS E 123 -31.67 -32.80 -8.04
C HIS E 123 -30.19 -32.53 -7.81
N LYS E 124 -29.64 -33.02 -6.69
CA LYS E 124 -28.21 -32.82 -6.41
C LYS E 124 -27.34 -33.56 -7.42
N VAL E 125 -27.79 -34.72 -7.90
CA VAL E 125 -27.04 -35.43 -8.94
C VAL E 125 -27.00 -34.60 -10.22
N HIS E 126 -28.13 -34.00 -10.59
CA HIS E 126 -28.16 -33.11 -11.75
C HIS E 126 -27.24 -31.92 -11.54
N ILE E 127 -27.21 -31.37 -10.32
CA ILE E 127 -26.31 -30.25 -10.04
C ILE E 127 -24.86 -30.69 -10.19
N SER E 128 -24.52 -31.87 -9.68
CA SER E 128 -23.15 -32.36 -9.80
C SER E 128 -22.77 -32.56 -11.26
N GLY E 129 -23.67 -33.12 -12.07
CA GLY E 129 -23.38 -33.28 -13.48
C GLY E 129 -23.18 -31.94 -14.18
N THR E 130 -24.03 -30.97 -13.86
CA THR E 130 -23.88 -29.64 -14.45
C THR E 130 -22.55 -29.02 -14.06
N LEU E 131 -22.15 -29.18 -12.78
CA LEU E 131 -20.85 -28.67 -12.36
C LEU E 131 -19.72 -29.36 -13.09
N TRP E 132 -19.86 -30.67 -13.32
CA TRP E 132 -18.83 -31.41 -14.04
C TRP E 132 -18.65 -30.86 -15.44
N TRP E 133 -19.75 -30.67 -16.17
CA TRP E 133 -19.67 -30.12 -17.52
C TRP E 133 -19.13 -28.69 -17.49
N THR E 134 -19.56 -27.91 -16.51
CA THR E 134 -19.07 -26.54 -16.41
C THR E 134 -17.56 -26.50 -16.22
N TYR E 135 -17.05 -27.36 -15.35
CA TYR E 135 -15.60 -27.39 -15.11
C TYR E 135 -14.85 -27.82 -16.36
N VAL E 136 -15.33 -28.85 -17.04
CA VAL E 136 -14.62 -29.35 -18.22
C VAL E 136 -14.57 -28.28 -19.30
N ILE E 137 -15.70 -27.63 -19.55
CA ILE E 137 -15.75 -26.59 -20.57
C ILE E 137 -14.88 -25.40 -20.17
N SER E 138 -14.84 -25.09 -18.87
CA SER E 138 -13.99 -24.00 -18.40
C SER E 138 -12.53 -24.29 -18.65
N VAL E 139 -12.11 -25.54 -18.40
CA VAL E 139 -10.72 -25.90 -18.65
C VAL E 139 -10.40 -25.81 -20.14
N VAL E 140 -11.34 -26.24 -20.98
CA VAL E 140 -11.12 -26.13 -22.43
C VAL E 140 -10.96 -24.67 -22.83
N PHE E 141 -11.81 -23.79 -22.29
CA PHE E 141 -11.67 -22.38 -22.59
C PHE E 141 -10.35 -21.82 -22.07
N ARG E 142 -9.93 -22.25 -20.88
CA ARG E 142 -8.65 -21.81 -20.35
C ARG E 142 -7.51 -22.24 -21.26
N LEU E 143 -7.56 -23.48 -21.75
CA LEU E 143 -6.56 -23.96 -22.67
C LEU E 143 -6.56 -23.16 -23.97
N LEU E 144 -7.75 -22.85 -24.50
CA LEU E 144 -7.82 -22.07 -25.72
C LEU E 144 -7.27 -20.66 -25.52
N PHE E 145 -7.57 -20.04 -24.39
CA PHE E 145 -7.04 -18.71 -24.11
C PHE E 145 -5.52 -18.74 -24.01
N GLU E 146 -4.96 -19.75 -23.35
CA GLU E 146 -3.52 -19.86 -23.27
C GLU E 146 -2.91 -20.03 -24.65
N ALA E 147 -3.50 -20.90 -25.48
CA ALA E 147 -2.98 -21.11 -26.82
C ALA E 147 -3.06 -19.84 -27.65
N VAL E 148 -4.18 -19.12 -27.53
CA VAL E 148 -4.35 -17.89 -28.32
C VAL E 148 -3.31 -16.85 -27.91
N PHE E 149 -3.11 -16.68 -26.61
CA PHE E 149 -2.11 -15.70 -26.16
C PHE E 149 -0.71 -16.13 -26.57
N MET E 150 -0.44 -17.44 -26.56
CA MET E 150 0.85 -17.91 -27.03
C MET E 150 1.04 -17.59 -28.51
N TYR E 151 0.01 -17.79 -29.32
CA TYR E 151 0.11 -17.46 -30.74
C TYR E 151 0.25 -15.96 -30.96
N VAL E 152 -0.46 -15.16 -30.16
CA VAL E 152 -0.35 -13.71 -30.28
C VAL E 152 1.07 -13.27 -29.92
N PHE E 153 1.64 -13.88 -28.87
CA PHE E 153 3.00 -13.56 -28.50
C PHE E 153 3.97 -13.91 -29.62
N TYR E 154 3.76 -15.06 -30.26
CA TYR E 154 4.59 -15.42 -31.41
C TYR E 154 4.40 -14.44 -32.56
N LEU E 155 3.16 -14.01 -32.80
CA LEU E 155 2.90 -13.13 -33.93
C LEU E 155 3.51 -11.75 -33.72
N LEU E 156 3.35 -11.18 -32.52
CA LEU E 156 3.89 -9.85 -32.26
C LEU E 156 5.40 -9.88 -32.17
N TYR E 157 5.95 -10.84 -31.43
CA TYR E 157 7.39 -10.93 -31.17
C TYR E 157 7.90 -12.28 -31.63
N PRO E 158 8.36 -12.40 -32.87
CA PRO E 158 8.96 -13.66 -33.31
C PRO E 158 10.19 -13.98 -32.47
N GLY E 159 10.36 -15.27 -32.19
CA GLY E 159 11.44 -15.70 -31.33
C GLY E 159 11.11 -15.51 -29.87
N TYR E 160 12.16 -15.64 -29.05
CA TYR E 160 12.01 -15.50 -27.60
C TYR E 160 12.98 -14.49 -27.00
N ALA E 161 13.82 -13.86 -27.81
CA ALA E 161 14.86 -12.96 -27.32
C ALA E 161 14.49 -11.52 -27.63
N MET E 162 14.63 -10.64 -26.63
CA MET E 162 14.36 -9.23 -26.83
C MET E 162 15.38 -8.63 -27.78
N VAL E 163 14.90 -7.82 -28.73
CA VAL E 163 15.80 -7.15 -29.65
C VAL E 163 16.62 -6.12 -28.90
N ARG E 164 17.89 -5.99 -29.28
CA ARG E 164 18.77 -5.04 -28.61
C ARG E 164 18.59 -3.64 -29.17
N LEU E 165 18.79 -3.47 -30.47
CA LEU E 165 18.59 -2.18 -31.13
C LEU E 165 17.74 -2.39 -32.38
N VAL E 166 16.99 -1.35 -32.73
CA VAL E 166 16.13 -1.38 -33.91
C VAL E 166 16.42 -0.14 -34.75
N LYS E 167 16.12 -0.26 -36.04
CA LYS E 167 16.33 0.82 -37.00
C LYS E 167 14.96 1.42 -37.31
N CYS E 168 14.53 2.38 -36.49
CA CYS E 168 13.22 2.97 -36.65
C CYS E 168 13.21 3.94 -37.83
N ASP E 169 12.08 3.98 -38.53
CA ASP E 169 11.89 4.90 -39.65
C ASP E 169 10.40 5.15 -39.78
N VAL E 170 9.95 6.31 -39.30
CA VAL E 170 8.54 6.65 -39.30
C VAL E 170 8.43 8.16 -39.53
N TYR E 171 7.20 8.67 -39.67
CA TYR E 171 7.03 10.05 -40.13
C TYR E 171 7.69 11.09 -39.24
N PRO E 172 7.49 11.12 -37.92
CA PRO E 172 8.17 12.15 -37.12
C PRO E 172 9.67 11.98 -37.06
N CYS E 173 10.21 10.83 -37.42
CA CYS E 173 11.64 10.57 -37.31
C CYS E 173 12.27 10.70 -38.69
N PRO E 174 13.10 11.72 -38.93
CA PRO E 174 13.86 11.76 -40.17
C PRO E 174 15.16 10.98 -40.05
N ASN E 175 15.72 10.65 -41.21
CA ASN E 175 17.05 10.06 -41.37
C ASN E 175 17.18 8.65 -40.79
N THR E 176 16.06 8.00 -40.45
CA THR E 176 16.06 6.61 -40.00
C THR E 176 16.98 6.42 -38.80
N VAL E 177 16.59 7.06 -37.69
CA VAL E 177 17.34 6.95 -36.46
C VAL E 177 17.19 5.54 -35.88
N ASP E 178 18.18 5.13 -35.10
CA ASP E 178 18.18 3.82 -34.46
C ASP E 178 17.89 3.97 -32.97
N CYS E 179 17.12 3.04 -32.42
CA CYS E 179 16.69 3.08 -31.04
C CYS E 179 17.24 1.88 -30.29
N PHE E 180 17.41 2.05 -28.99
CA PHE E 180 17.96 1.01 -28.14
C PHE E 180 16.93 0.58 -27.09
N VAL E 181 16.99 -0.69 -26.71
CA VAL E 181 16.06 -1.28 -25.76
C VAL E 181 16.78 -1.48 -24.44
N SER E 182 16.17 -1.01 -23.35
CA SER E 182 16.76 -1.12 -22.04
C SER E 182 16.59 -2.52 -21.48
N ARG E 183 17.64 -3.02 -20.84
CA ARG E 183 17.62 -4.33 -20.18
C ARG E 183 17.17 -5.45 -21.11
N PRO E 184 17.88 -5.67 -22.23
CA PRO E 184 17.41 -6.71 -23.17
C PRO E 184 17.59 -8.11 -22.63
N THR E 185 18.74 -8.41 -22.02
CA THR E 185 18.99 -9.75 -21.51
C THR E 185 18.07 -10.07 -20.34
N GLU E 186 17.87 -9.11 -19.44
CA GLU E 186 16.97 -9.34 -18.32
C GLU E 186 15.55 -9.61 -18.80
N LYS E 187 15.09 -8.83 -19.78
CA LYS E 187 13.75 -9.04 -20.34
C LYS E 187 13.66 -10.40 -21.01
N THR E 188 14.73 -10.84 -21.67
CA THR E 188 14.73 -12.16 -22.29
C THR E 188 14.54 -13.24 -21.24
N VAL E 189 15.22 -13.11 -20.09
CA VAL E 189 15.09 -14.10 -19.03
C VAL E 189 13.66 -14.19 -18.54
N PHE E 190 13.04 -13.04 -18.27
CA PHE E 190 11.67 -13.06 -17.79
C PHE E 190 10.70 -13.54 -18.87
N THR E 191 10.99 -13.24 -20.13
CA THR E 191 10.16 -13.74 -21.21
C THR E 191 10.18 -15.26 -21.25
N VAL E 192 11.35 -15.86 -21.08
CA VAL E 192 11.45 -17.31 -21.06
C VAL E 192 10.69 -17.89 -19.88
N PHE E 193 10.80 -17.24 -18.71
CA PHE E 193 10.07 -17.72 -17.54
C PHE E 193 8.57 -17.68 -17.77
N MET E 194 8.07 -16.58 -18.31
CA MET E 194 6.62 -16.46 -18.54
C MET E 194 6.15 -17.45 -19.60
N LEU E 195 6.91 -17.60 -20.68
CA LEU E 195 6.55 -18.55 -21.71
C LEU E 195 6.55 -19.98 -21.17
N ALA E 196 7.55 -20.31 -20.34
CA ALA E 196 7.60 -21.64 -19.75
C ALA E 196 6.40 -21.89 -18.85
N ALA E 197 6.03 -20.90 -18.03
CA ALA E 197 4.87 -21.06 -17.17
C ALA E 197 3.60 -21.26 -17.99
N SER E 198 3.44 -20.49 -19.06
CA SER E 198 2.27 -20.66 -19.92
C SER E 198 2.27 -22.03 -20.59
N GLY E 199 3.43 -22.49 -21.05
CA GLY E 199 3.49 -23.79 -21.70
C GLY E 199 3.13 -24.93 -20.76
N ILE E 200 3.64 -24.89 -19.53
CA ILE E 200 3.30 -25.93 -18.57
C ILE E 200 1.82 -25.85 -18.20
N CYS E 201 1.26 -24.64 -18.14
CA CYS E 201 -0.17 -24.51 -17.91
C CYS E 201 -0.96 -25.19 -19.03
N ILE E 202 -0.53 -25.03 -20.27
CA ILE E 202 -1.19 -25.70 -21.39
C ILE E 202 -1.12 -27.21 -21.21
N ILE E 203 0.05 -27.72 -20.84
CA ILE E 203 0.21 -29.17 -20.67
C ILE E 203 -0.71 -29.67 -19.56
N LEU E 204 -0.76 -28.96 -18.44
CA LEU E 204 -1.60 -29.40 -17.32
C LEU E 204 -3.07 -29.35 -17.69
N ASN E 205 -3.49 -28.33 -18.42
CA ASN E 205 -4.90 -28.25 -18.82
C ASN E 205 -5.28 -29.40 -19.73
N VAL E 206 -4.41 -29.73 -20.68
CA VAL E 206 -4.68 -30.89 -21.55
C VAL E 206 -4.74 -32.16 -20.71
N ALA E 207 -3.83 -32.30 -19.75
CA ALA E 207 -3.82 -33.49 -18.91
C ALA E 207 -5.11 -33.59 -18.10
N GLU E 208 -5.60 -32.48 -17.57
CA GLU E 208 -6.83 -32.51 -16.79
C GLU E 208 -8.01 -32.93 -17.66
N VAL E 209 -8.11 -32.38 -18.87
CA VAL E 209 -9.21 -32.74 -19.75
C VAL E 209 -9.17 -34.22 -20.07
N VAL E 210 -7.98 -34.72 -20.44
CA VAL E 210 -7.85 -36.14 -20.78
C VAL E 210 -8.16 -37.01 -19.57
N TYR E 211 -7.64 -36.64 -18.40
CA TYR E 211 -7.87 -37.46 -17.21
C TYR E 211 -9.34 -37.51 -16.85
N LEU E 212 -10.03 -36.36 -16.90
CA LEU E 212 -11.44 -36.34 -16.57
C LEU E 212 -12.25 -37.15 -17.57
N ILE E 213 -11.96 -37.01 -18.86
CA ILE E 213 -12.70 -37.75 -19.88
C ILE E 213 -12.48 -39.25 -19.71
N ILE E 214 -11.23 -39.65 -19.47
CA ILE E 214 -10.93 -41.07 -19.31
C ILE E 214 -11.65 -41.63 -18.10
N ARG E 215 -11.61 -40.91 -16.98
CA ARG E 215 -12.27 -41.39 -15.77
C ARG E 215 -13.78 -41.45 -15.95
N ALA E 216 -14.36 -40.44 -16.62
CA ALA E 216 -15.80 -40.45 -16.85
C ALA E 216 -16.21 -41.61 -17.75
N CYS E 217 -15.46 -41.85 -18.82
CA CYS E 217 -15.79 -42.96 -19.71
C CYS E 217 -15.65 -44.30 -19.00
N ALA E 218 -14.61 -44.44 -18.16
CA ALA E 218 -14.46 -45.66 -17.39
C ALA E 218 -15.62 -45.85 -16.43
N ARG E 219 -16.09 -44.77 -15.80
CA ARG E 219 -17.24 -44.87 -14.92
C ARG E 219 -18.50 -45.24 -15.67
N ARG E 220 -18.64 -44.76 -16.91
CA ARG E 220 -19.80 -45.11 -17.72
C ARG E 220 -19.86 -46.62 -17.97
N ALA E 221 -18.72 -47.23 -18.24
CA ALA E 221 -18.67 -48.68 -18.46
C ALA E 221 -19.00 -49.44 -17.18
N MET F 1 -10.40 -15.15 3.27
CA MET F 1 -11.06 -14.71 2.04
C MET F 1 -11.64 -15.90 1.30
N ASN F 2 -12.58 -16.59 1.93
CA ASN F 2 -13.20 -17.75 1.32
C ASN F 2 -14.13 -17.33 0.18
N TRP F 3 -14.48 -18.30 -0.66
CA TRP F 3 -15.33 -18.00 -1.81
C TRP F 3 -16.75 -17.67 -1.40
N THR F 4 -17.26 -18.28 -0.33
CA THR F 4 -18.60 -17.93 0.14
C THR F 4 -18.66 -16.47 0.57
N GLY F 5 -17.61 -15.99 1.24
CA GLY F 5 -17.59 -14.59 1.64
C GLY F 5 -17.58 -13.65 0.47
N LEU F 6 -16.73 -13.92 -0.53
CA LEU F 6 -16.66 -13.06 -1.70
C LEU F 6 -17.97 -13.09 -2.49
N TYR F 7 -18.56 -14.27 -2.66
CA TYR F 7 -19.82 -14.37 -3.37
C TYR F 7 -20.92 -13.63 -2.64
N THR F 8 -20.99 -13.76 -1.32
CA THR F 8 -22.00 -13.04 -0.55
C THR F 8 -21.79 -11.55 -0.65
N LEU F 9 -20.54 -11.09 -0.56
CA LEU F 9 -20.25 -9.67 -0.63
C LEU F 9 -20.69 -9.08 -1.96
N LEU F 10 -20.37 -9.76 -3.07
CA LEU F 10 -20.74 -9.24 -4.37
C LEU F 10 -22.23 -9.40 -4.64
N SER F 11 -22.87 -10.39 -4.02
CA SER F 11 -24.30 -10.58 -4.22
C SER F 11 -25.12 -9.46 -3.58
N GLY F 12 -24.63 -8.89 -2.49
CA GLY F 12 -25.40 -7.91 -1.76
C GLY F 12 -26.39 -8.50 -0.78
N VAL F 13 -26.35 -9.83 -0.57
CA VAL F 13 -27.28 -10.53 0.29
C VAL F 13 -28.70 -10.20 -0.13
N ASN F 14 -28.93 -10.13 -1.43
CA ASN F 14 -30.23 -9.82 -1.99
C ASN F 14 -30.93 -11.12 -2.39
N ARG F 15 -32.08 -11.38 -1.79
CA ARG F 15 -32.76 -12.64 -2.04
C ARG F 15 -33.61 -12.64 -3.29
N HIS F 16 -33.71 -11.51 -3.99
CA HIS F 16 -34.48 -11.44 -5.22
C HIS F 16 -33.64 -11.53 -6.48
N SER F 17 -32.35 -11.23 -6.41
CA SER F 17 -31.49 -11.32 -7.58
C SER F 17 -31.35 -12.77 -8.01
N THR F 18 -31.37 -12.99 -9.32
CA THR F 18 -31.27 -14.32 -9.89
C THR F 18 -29.80 -14.66 -10.14
N ALA F 19 -29.56 -15.82 -10.75
CA ALA F 19 -28.19 -16.28 -10.98
C ALA F 19 -27.43 -15.35 -11.91
N ILE F 20 -28.13 -14.52 -12.69
CA ILE F 20 -27.44 -13.60 -13.59
C ILE F 20 -26.65 -12.57 -12.79
N GLY F 21 -27.28 -11.99 -11.78
CA GLY F 21 -26.61 -11.01 -10.95
C GLY F 21 -25.67 -11.62 -9.93
N ARG F 22 -26.04 -12.78 -9.40
CA ARG F 22 -25.19 -13.43 -8.40
C ARG F 22 -23.86 -13.85 -9.00
N VAL F 23 -23.88 -14.38 -10.21
CA VAL F 23 -22.71 -15.01 -10.82
C VAL F 23 -22.13 -14.15 -11.94
N TRP F 24 -22.91 -13.93 -13.00
CA TRP F 24 -22.34 -13.33 -14.21
C TRP F 24 -22.04 -11.85 -14.01
N LEU F 25 -22.96 -11.11 -13.40
CA LEU F 25 -22.74 -9.68 -13.20
C LEU F 25 -21.57 -9.44 -12.27
N SER F 26 -21.48 -10.20 -11.18
CA SER F 26 -20.38 -10.03 -10.25
C SER F 26 -19.05 -10.36 -10.90
N VAL F 27 -19.01 -11.43 -11.70
CA VAL F 27 -17.77 -11.80 -12.38
C VAL F 27 -17.34 -10.70 -13.34
N ILE F 28 -18.28 -10.16 -14.11
CA ILE F 28 -17.93 -9.11 -15.05
C ILE F 28 -17.49 -7.85 -14.33
N PHE F 29 -18.08 -7.56 -13.16
CA PHE F 29 -17.60 -6.44 -12.36
C PHE F 29 -16.15 -6.65 -11.94
N ILE F 30 -15.83 -7.87 -11.49
CA ILE F 30 -14.44 -8.18 -11.12
C ILE F 30 -13.53 -8.02 -12.32
N PHE F 31 -13.95 -8.54 -13.48
CA PHE F 31 -13.15 -8.45 -14.69
C PHE F 31 -12.93 -6.99 -15.08
N ARG F 32 -14.00 -6.19 -15.04
CA ARG F 32 -13.89 -4.80 -15.42
C ARG F 32 -13.01 -4.03 -14.45
N ILE F 33 -13.10 -4.34 -13.16
CA ILE F 33 -12.24 -3.68 -12.17
C ILE F 33 -10.79 -3.99 -12.45
N MET F 34 -10.47 -5.25 -12.72
CA MET F 34 -9.07 -5.62 -12.95
C MET F 34 -8.53 -4.96 -14.21
N VAL F 35 -9.29 -4.97 -15.29
CA VAL F 35 -8.84 -4.34 -16.53
C VAL F 35 -8.65 -2.84 -16.31
N LEU F 36 -9.58 -2.21 -15.59
CA LEU F 36 -9.46 -0.78 -15.33
C LEU F 36 -8.22 -0.47 -14.49
N VAL F 37 -7.93 -1.31 -13.50
CA VAL F 37 -6.76 -1.09 -12.67
C VAL F 37 -5.49 -1.18 -13.50
N VAL F 38 -5.40 -2.20 -14.37
CA VAL F 38 -4.23 -2.34 -15.22
C VAL F 38 -4.09 -1.14 -16.15
N ALA F 39 -5.19 -0.72 -16.77
CA ALA F 39 -5.15 0.41 -17.68
C ALA F 39 -4.77 1.69 -16.96
N ALA F 40 -5.34 1.92 -15.78
CA ALA F 40 -5.04 3.13 -15.03
C ALA F 40 -3.59 3.16 -14.58
N GLU F 41 -3.09 2.04 -14.06
CA GLU F 41 -1.75 2.04 -13.47
C GLU F 41 -0.66 2.06 -14.53
N SER F 42 -0.87 1.43 -15.69
CA SER F 42 0.17 1.33 -16.68
C SER F 42 -0.14 2.11 -17.96
N VAL F 43 -1.26 1.81 -18.62
CA VAL F 43 -1.48 2.32 -19.97
C VAL F 43 -1.70 3.83 -19.94
N TRP F 44 -2.73 4.28 -19.23
CA TRP F 44 -2.94 5.71 -19.00
C TRP F 44 -2.23 6.08 -17.71
N GLY F 45 -0.93 6.27 -17.80
CA GLY F 45 -0.15 6.65 -16.64
C GLY F 45 -0.16 8.16 -16.49
N ASP F 46 1.01 8.79 -16.57
CA ASP F 46 1.08 10.25 -16.62
C ASP F 46 0.67 10.68 -18.03
N GLU F 47 -0.63 10.56 -18.30
CA GLU F 47 -1.15 10.80 -19.64
C GLU F 47 -0.91 12.25 -20.07
N LYS F 48 -0.80 13.17 -19.13
CA LYS F 48 -0.47 14.55 -19.47
C LYS F 48 0.91 14.62 -20.13
N SER F 49 1.90 13.94 -19.56
CA SER F 49 3.25 13.98 -20.12
C SER F 49 3.39 13.10 -21.35
N SER F 50 2.65 11.99 -21.42
CA SER F 50 2.76 11.11 -22.57
C SER F 50 2.30 11.80 -23.84
N PHE F 51 1.18 12.51 -23.78
CA PHE F 51 0.69 13.27 -24.92
C PHE F 51 1.66 14.40 -25.22
N ILE F 52 2.37 14.31 -26.33
CA ILE F 52 3.43 15.26 -26.66
C ILE F 52 3.13 15.94 -27.98
N CYS F 53 3.65 17.17 -28.12
CA CYS F 53 3.47 17.95 -29.33
C CYS F 53 4.82 18.53 -29.75
N ASN F 54 4.99 18.73 -31.05
CA ASN F 54 6.24 19.30 -31.58
C ASN F 54 6.16 20.82 -31.51
N THR F 55 6.25 21.33 -30.29
CA THR F 55 6.19 22.76 -30.06
C THR F 55 7.02 23.11 -28.83
N LEU F 56 7.36 24.39 -28.72
CA LEU F 56 8.19 24.87 -27.63
C LEU F 56 7.50 25.88 -26.73
N GLN F 57 6.37 26.45 -27.15
CA GLN F 57 5.69 27.43 -26.32
C GLN F 57 5.02 26.74 -25.14
N PRO F 58 5.32 27.15 -23.91
CA PRO F 58 4.75 26.47 -22.74
C PRO F 58 3.24 26.56 -22.71
N GLY F 59 2.61 25.50 -22.22
CA GLY F 59 1.18 25.43 -22.11
C GLY F 59 0.45 24.96 -23.35
N CYS F 60 1.14 24.94 -24.50
CA CYS F 60 0.49 24.47 -25.72
C CYS F 60 0.09 23.01 -25.61
N ASN F 61 0.97 22.18 -25.04
CA ASN F 61 0.66 20.76 -24.88
C ASN F 61 -0.55 20.56 -23.98
N SER F 62 -0.63 21.31 -22.88
CA SER F 62 -1.74 21.14 -21.96
C SER F 62 -3.07 21.48 -22.61
N VAL F 63 -3.11 22.60 -23.35
CA VAL F 63 -4.36 23.01 -23.97
C VAL F 63 -4.78 22.03 -25.05
N CYS F 64 -3.82 21.54 -25.85
CA CYS F 64 -4.16 20.58 -26.88
C CYS F 64 -4.71 19.29 -26.29
N TYR F 65 -4.10 18.79 -25.22
CA TYR F 65 -4.58 17.57 -24.59
C TYR F 65 -5.99 17.77 -24.06
N ASP F 66 -6.27 18.93 -23.46
CA ASP F 66 -7.62 19.22 -23.00
C ASP F 66 -8.59 19.36 -24.17
N GLN F 67 -8.11 19.90 -25.29
CA GLN F 67 -9.00 20.16 -26.42
C GLN F 67 -9.42 18.88 -27.11
N PHE F 68 -8.52 17.92 -27.23
CA PHE F 68 -8.83 16.67 -27.92
C PHE F 68 -9.28 15.56 -26.97
N PHE F 69 -8.94 15.66 -25.69
CA PHE F 69 -9.35 14.66 -24.69
C PHE F 69 -9.97 15.40 -23.51
N PRO F 70 -11.21 15.87 -23.66
CA PRO F 70 -11.85 16.57 -22.55
C PRO F 70 -11.90 15.75 -21.27
N ILE F 71 -12.18 14.45 -21.38
CA ILE F 71 -12.15 13.53 -20.26
C ILE F 71 -11.38 12.29 -20.71
N SER F 72 -10.33 11.95 -19.99
CA SER F 72 -9.55 10.76 -20.32
C SER F 72 -10.38 9.51 -20.08
N HIS F 73 -10.07 8.45 -20.83
CA HIS F 73 -10.91 7.27 -20.85
C HIS F 73 -11.00 6.62 -19.47
N VAL F 74 -9.89 6.58 -18.74
CA VAL F 74 -9.89 5.91 -17.45
C VAL F 74 -10.80 6.64 -16.46
N ARG F 75 -10.74 7.96 -16.44
CA ARG F 75 -11.61 8.72 -15.55
C ARG F 75 -13.07 8.49 -15.89
N LEU F 76 -13.39 8.44 -17.18
CA LEU F 76 -14.76 8.16 -17.60
C LEU F 76 -15.19 6.77 -17.15
N TRP F 77 -14.31 5.78 -17.29
CA TRP F 77 -14.64 4.43 -16.81
C TRP F 77 -14.68 4.39 -15.30
N SER F 78 -13.85 5.18 -14.63
CA SER F 78 -13.89 5.24 -13.18
C SER F 78 -15.22 5.82 -12.69
N LEU F 79 -15.64 6.93 -13.30
CA LEU F 79 -16.95 7.49 -12.97
C LEU F 79 -18.06 6.52 -13.34
N GLN F 80 -17.95 5.86 -14.49
CA GLN F 80 -18.95 4.89 -14.88
C GLN F 80 -19.05 3.76 -13.88
N LEU F 81 -17.90 3.24 -13.45
CA LEU F 81 -17.91 2.14 -12.48
C LEU F 81 -18.52 2.58 -11.17
N ILE F 82 -18.19 3.78 -10.70
CA ILE F 82 -18.76 4.29 -9.46
C ILE F 82 -20.27 4.45 -9.59
N LEU F 83 -20.71 5.08 -10.69
CA LEU F 83 -22.13 5.35 -10.85
C LEU F 83 -22.94 4.07 -10.99
N VAL F 84 -22.47 3.12 -11.78
CA VAL F 84 -23.23 1.88 -11.96
C VAL F 84 -23.13 0.99 -10.73
N SER F 85 -22.11 1.17 -9.90
CA SER F 85 -22.03 0.41 -8.66
C SER F 85 -22.86 1.02 -7.55
N THR F 86 -23.25 2.29 -7.67
CA THR F 86 -24.01 2.94 -6.62
C THR F 86 -25.36 2.26 -6.34
N PRO F 87 -26.20 1.96 -7.33
CA PRO F 87 -27.47 1.28 -6.99
C PRO F 87 -27.28 -0.06 -6.31
N ALA F 88 -26.24 -0.82 -6.68
CA ALA F 88 -25.96 -2.05 -5.96
C ALA F 88 -25.62 -1.76 -4.50
N LEU F 89 -24.86 -0.70 -4.25
CA LEU F 89 -24.56 -0.30 -2.89
C LEU F 89 -25.82 0.08 -2.14
N LEU F 90 -26.72 0.81 -2.79
CA LEU F 90 -27.98 1.20 -2.14
C LEU F 90 -28.81 -0.01 -1.77
N VAL F 91 -28.91 -0.98 -2.67
CA VAL F 91 -29.70 -2.18 -2.38
C VAL F 91 -29.08 -2.95 -1.22
N ALA F 92 -27.76 -3.07 -1.21
CA ALA F 92 -27.10 -3.78 -0.13
C ALA F 92 -27.36 -3.11 1.22
N MET F 93 -27.25 -1.78 1.24
CA MET F 93 -27.53 -1.06 2.48
C MET F 93 -28.98 -1.18 2.89
N HIS F 94 -29.89 -1.17 1.92
CA HIS F 94 -31.31 -1.35 2.24
C HIS F 94 -31.55 -2.72 2.88
N VAL F 95 -30.95 -3.76 2.31
CA VAL F 95 -31.13 -5.10 2.86
C VAL F 95 -30.57 -5.18 4.26
N ALA F 96 -29.37 -4.61 4.47
CA ALA F 96 -28.78 -4.62 5.80
C ALA F 96 -29.64 -3.86 6.79
N HIS F 97 -30.17 -2.71 6.38
CA HIS F 97 -31.01 -1.92 7.28
C HIS F 97 -32.29 -2.67 7.62
N GLN F 98 -32.90 -3.32 6.65
CA GLN F 98 -34.12 -4.08 6.92
C GLN F 98 -33.83 -5.24 7.86
N GLN F 99 -32.68 -5.89 7.70
CA GLN F 99 -32.29 -6.92 8.64
C GLN F 99 -32.12 -6.37 10.04
N HIS F 100 -31.51 -5.17 10.15
CA HIS F 100 -31.36 -4.54 11.45
C HIS F 100 -32.72 -4.22 12.08
N ILE F 101 -33.64 -3.67 11.29
CA ILE F 101 -34.96 -3.33 11.81
C ILE F 101 -35.68 -4.59 12.29
N GLU F 102 -35.61 -5.66 11.50
CA GLU F 102 -36.20 -6.92 11.92
C GLU F 102 -35.52 -7.43 13.19
N LYS F 103 -34.20 -7.25 13.29
CA LYS F 103 -33.47 -7.72 14.45
C LYS F 103 -33.88 -6.96 15.71
N LYS F 104 -34.35 -5.73 15.57
CA LYS F 104 -34.78 -4.97 16.74
C LYS F 104 -35.96 -5.65 17.43
N MET F 105 -36.91 -6.16 16.66
CA MET F 105 -38.04 -6.88 17.23
C MET F 105 -37.81 -8.38 17.19
N ARG F 122 -48.35 -10.54 6.80
CA ARG F 122 -47.38 -10.05 7.77
C ARG F 122 -46.62 -8.84 7.22
N HIS F 123 -45.93 -8.13 8.13
CA HIS F 123 -45.11 -7.00 7.69
C HIS F 123 -43.90 -7.45 6.89
N LYS F 124 -43.45 -8.69 7.12
CA LYS F 124 -42.30 -9.20 6.37
C LYS F 124 -42.63 -9.38 4.89
N VAL F 125 -43.87 -9.73 4.56
CA VAL F 125 -44.27 -9.82 3.16
C VAL F 125 -44.20 -8.45 2.50
N HIS F 126 -44.65 -7.42 3.20
CA HIS F 126 -44.53 -6.06 2.69
C HIS F 126 -43.07 -5.67 2.51
N ILE F 127 -42.22 -6.06 3.45
CA ILE F 127 -40.79 -5.77 3.32
C ILE F 127 -40.22 -6.47 2.10
N SER F 128 -40.59 -7.72 1.88
CA SER F 128 -40.09 -8.46 0.72
C SER F 128 -40.54 -7.80 -0.58
N GLY F 129 -41.80 -7.38 -0.64
CA GLY F 129 -42.28 -6.69 -1.83
C GLY F 129 -41.55 -5.38 -2.07
N THR F 130 -41.30 -4.62 -1.00
CA THR F 130 -40.56 -3.37 -1.14
C THR F 130 -39.14 -3.64 -1.63
N LEU F 131 -38.50 -4.68 -1.11
CA LEU F 131 -37.17 -5.04 -1.58
C LEU F 131 -37.20 -5.45 -3.04
N TRP F 132 -38.24 -6.17 -3.44
CA TRP F 132 -38.36 -6.57 -4.85
C TRP F 132 -38.43 -5.36 -5.76
N TRP F 133 -39.29 -4.40 -5.44
CA TRP F 133 -39.40 -3.19 -6.24
C TRP F 133 -38.10 -2.40 -6.21
N THR F 134 -37.46 -2.32 -5.05
CA THR F 134 -36.21 -1.60 -4.94
C THR F 134 -35.15 -2.20 -5.85
N TYR F 135 -35.04 -3.54 -5.87
CA TYR F 135 -34.05 -4.19 -6.71
C TYR F 135 -34.34 -3.95 -8.18
N VAL F 136 -35.60 -4.08 -8.59
CA VAL F 136 -35.94 -3.92 -10.00
C VAL F 136 -35.62 -2.51 -10.47
N ILE F 137 -36.01 -1.50 -9.67
CA ILE F 137 -35.74 -0.13 -10.04
C ILE F 137 -34.24 0.15 -10.05
N SER F 138 -33.51 -0.47 -9.12
CA SER F 138 -32.05 -0.28 -9.10
C SER F 138 -31.42 -0.83 -10.36
N VAL F 139 -31.87 -2.00 -10.83
CA VAL F 139 -31.33 -2.57 -12.06
C VAL F 139 -31.65 -1.67 -13.25
N VAL F 140 -32.86 -1.11 -13.27
CA VAL F 140 -33.21 -0.19 -14.36
C VAL F 140 -32.31 1.03 -14.35
N PHE F 141 -32.04 1.57 -13.16
CA PHE F 141 -31.13 2.72 -13.07
C PHE F 141 -29.72 2.32 -13.48
N ARG F 142 -29.28 1.12 -13.10
CA ARG F 142 -27.96 0.67 -13.51
C ARG F 142 -27.87 0.54 -15.03
N LEU F 143 -28.92 0.01 -15.65
CA LEU F 143 -28.97 -0.08 -17.10
C LEU F 143 -28.93 1.31 -17.74
N LEU F 144 -29.69 2.25 -17.19
CA LEU F 144 -29.70 3.60 -17.74
C LEU F 144 -28.34 4.26 -17.62
N PHE F 145 -27.67 4.08 -16.48
CA PHE F 145 -26.34 4.65 -16.31
C PHE F 145 -25.36 4.06 -17.30
N GLU F 146 -25.40 2.74 -17.51
CA GLU F 146 -24.53 2.12 -18.50
C GLU F 146 -24.80 2.67 -19.88
N ALA F 147 -26.07 2.79 -20.26
CA ALA F 147 -26.40 3.32 -21.58
C ALA F 147 -25.94 4.77 -21.72
N VAL F 148 -26.12 5.58 -20.68
CA VAL F 148 -25.72 6.97 -20.75
C VAL F 148 -24.21 7.10 -20.91
N PHE F 149 -23.45 6.31 -20.14
CA PHE F 149 -22.00 6.37 -20.27
C PHE F 149 -21.55 5.86 -21.63
N MET F 150 -22.25 4.85 -22.17
CA MET F 150 -21.93 4.38 -23.51
C MET F 150 -22.17 5.48 -24.54
N TYR F 151 -23.28 6.20 -24.42
CA TYR F 151 -23.54 7.30 -25.34
C TYR F 151 -22.54 8.44 -25.17
N VAL F 152 -22.16 8.73 -23.94
CA VAL F 152 -21.16 9.77 -23.70
C VAL F 152 -19.83 9.37 -24.33
N PHE F 153 -19.46 8.09 -24.18
CA PHE F 153 -18.23 7.62 -24.79
C PHE F 153 -18.29 7.75 -26.31
N TYR F 154 -19.44 7.43 -26.91
CA TYR F 154 -19.60 7.63 -28.34
C TYR F 154 -19.51 9.10 -28.71
N LEU F 155 -20.10 9.97 -27.89
CA LEU F 155 -20.13 11.40 -28.23
C LEU F 155 -18.74 12.01 -28.14
N LEU F 156 -18.00 11.71 -27.07
CA LEU F 156 -16.66 12.28 -26.91
C LEU F 156 -15.69 11.69 -27.91
N TYR F 157 -15.69 10.37 -28.06
CA TYR F 157 -14.73 9.65 -28.89
C TYR F 157 -15.48 8.83 -29.93
N PRO F 158 -15.75 9.38 -31.11
CA PRO F 158 -16.38 8.58 -32.16
C PRO F 158 -15.49 7.41 -32.55
N GLY F 159 -16.13 6.27 -32.82
CA GLY F 159 -15.40 5.06 -33.12
C GLY F 159 -14.90 4.38 -31.85
N TYR F 160 -14.01 3.42 -32.07
CA TYR F 160 -13.45 2.65 -30.97
C TYR F 160 -11.92 2.65 -30.96
N ALA F 161 -11.27 3.31 -31.90
CA ALA F 161 -9.83 3.28 -32.05
C ALA F 161 -9.23 4.60 -31.62
N MET F 162 -8.17 4.52 -30.82
CA MET F 162 -7.47 5.72 -30.38
C MET F 162 -6.80 6.39 -31.56
N VAL F 163 -6.93 7.72 -31.63
CA VAL F 163 -6.27 8.47 -32.69
C VAL F 163 -4.77 8.43 -32.49
N ARG F 164 -4.02 8.33 -33.58
CA ARG F 164 -2.57 8.27 -33.49
C ARG F 164 -1.98 9.66 -33.35
N LEU F 165 -2.24 10.53 -34.32
CA LEU F 165 -1.77 11.91 -34.27
C LEU F 165 -2.93 12.84 -34.57
N VAL F 166 -2.86 14.05 -34.00
CA VAL F 166 -3.88 15.07 -34.20
C VAL F 166 -3.20 16.36 -34.63
N LYS F 167 -3.97 17.21 -35.31
CA LYS F 167 -3.49 18.49 -35.80
C LYS F 167 -4.09 19.58 -34.91
N CYS F 168 -3.40 19.85 -33.80
CA CYS F 168 -3.91 20.82 -32.84
C CYS F 168 -3.73 22.24 -33.35
N ASP F 169 -4.71 23.10 -33.03
CA ASP F 169 -4.65 24.51 -33.40
C ASP F 169 -5.49 25.28 -32.38
N VAL F 170 -4.81 25.93 -31.43
CA VAL F 170 -5.48 26.65 -30.36
C VAL F 170 -4.63 27.88 -30.03
N TYR F 171 -5.12 28.73 -29.14
CA TYR F 171 -4.50 30.05 -28.95
C TYR F 171 -3.04 29.98 -28.54
N PRO F 172 -2.63 29.24 -27.50
CA PRO F 172 -1.21 29.21 -27.16
C PRO F 172 -0.33 28.55 -28.21
N CYS F 173 -0.91 27.79 -29.13
CA CYS F 173 -0.12 27.07 -30.11
C CYS F 173 -0.17 27.81 -31.44
N PRO F 174 0.94 28.40 -31.90
CA PRO F 174 0.98 28.95 -33.25
C PRO F 174 1.32 27.89 -34.28
N ASN F 175 1.00 28.20 -35.54
CA ASN F 175 1.41 27.45 -36.71
C ASN F 175 0.77 26.06 -36.80
N THR F 176 -0.23 25.77 -35.99
CA THR F 176 -1.00 24.51 -36.06
C THR F 176 -0.07 23.30 -35.94
N VAL F 177 0.54 23.19 -34.75
CA VAL F 177 1.43 22.07 -34.49
C VAL F 177 0.62 20.78 -34.37
N ASP F 178 1.28 19.66 -34.65
CA ASP F 178 0.66 18.35 -34.58
C ASP F 178 1.16 17.60 -33.34
N CYS F 179 0.26 16.87 -32.70
CA CYS F 179 0.56 16.17 -31.47
C CYS F 179 0.40 14.67 -31.67
N PHE F 180 1.14 13.89 -30.88
CA PHE F 180 1.13 12.45 -30.96
C PHE F 180 0.58 11.84 -29.67
N VAL F 181 -0.06 10.69 -29.80
CA VAL F 181 -0.68 10.00 -28.68
C VAL F 181 0.17 8.77 -28.36
N SER F 182 0.50 8.63 -27.08
CA SER F 182 1.33 7.51 -26.64
C SER F 182 0.50 6.25 -26.52
N ARG F 183 1.08 5.13 -26.96
CA ARG F 183 0.46 3.81 -26.87
C ARG F 183 -0.94 3.78 -27.48
N PRO F 184 -1.07 4.10 -28.77
CA PRO F 184 -2.42 4.12 -29.36
C PRO F 184 -3.03 2.74 -29.52
N THR F 185 -2.26 1.77 -29.97
CA THR F 185 -2.80 0.42 -30.17
C THR F 185 -3.14 -0.23 -28.84
N GLU F 186 -2.28 -0.06 -27.84
CA GLU F 186 -2.56 -0.63 -26.53
C GLU F 186 -3.83 -0.03 -25.93
N LYS F 187 -3.99 1.29 -26.07
CA LYS F 187 -5.19 1.94 -25.57
C LYS F 187 -6.42 1.47 -26.32
N THR F 188 -6.29 1.21 -27.62
CA THR F 188 -7.41 0.69 -28.39
C THR F 188 -7.84 -0.68 -27.86
N VAL F 189 -6.87 -1.53 -27.53
CA VAL F 189 -7.20 -2.85 -27.00
C VAL F 189 -7.99 -2.74 -25.70
N PHE F 190 -7.50 -1.91 -24.78
CA PHE F 190 -8.21 -1.76 -23.51
C PHE F 190 -9.56 -1.08 -23.69
N THR F 191 -9.66 -0.16 -24.65
CA THR F 191 -10.95 0.45 -24.93
C THR F 191 -11.97 -0.59 -25.38
N VAL F 192 -11.56 -1.51 -26.25
CA VAL F 192 -12.46 -2.57 -26.70
C VAL F 192 -12.85 -3.46 -25.53
N PHE F 193 -11.89 -3.79 -24.66
CA PHE F 193 -12.22 -4.61 -23.50
C PHE F 193 -13.24 -3.94 -22.60
N MET F 194 -13.04 -2.66 -22.32
CA MET F 194 -13.97 -1.94 -21.44
C MET F 194 -15.34 -1.80 -22.08
N LEU F 195 -15.38 -1.47 -23.37
CA LEU F 195 -16.66 -1.36 -24.07
C LEU F 195 -17.38 -2.69 -24.10
N ALA F 196 -16.65 -3.79 -24.32
CA ALA F 196 -17.27 -5.10 -24.33
C ALA F 196 -17.85 -5.44 -22.96
N ALA F 197 -17.10 -5.14 -21.90
CA ALA F 197 -17.61 -5.41 -20.55
C ALA F 197 -18.87 -4.61 -20.28
N SER F 198 -18.88 -3.34 -20.68
CA SER F 198 -20.07 -2.52 -20.48
C SER F 198 -21.25 -3.04 -21.29
N GLY F 199 -20.99 -3.46 -22.53
CA GLY F 199 -22.07 -3.98 -23.36
C GLY F 199 -22.70 -5.24 -22.80
N ILE F 200 -21.86 -6.16 -22.32
CA ILE F 200 -22.40 -7.38 -21.72
C ILE F 200 -23.14 -7.06 -20.43
N CYS F 201 -22.68 -6.07 -19.68
CA CYS F 201 -23.41 -5.64 -18.49
C CYS F 201 -24.79 -5.14 -18.87
N ILE F 202 -24.90 -4.39 -19.97
CA ILE F 202 -26.21 -3.92 -20.43
C ILE F 202 -27.10 -5.10 -20.77
N ILE F 203 -26.55 -6.09 -21.47
CA ILE F 203 -27.33 -7.26 -21.85
C ILE F 203 -27.83 -8.01 -20.62
N LEU F 204 -26.94 -8.20 -19.64
CA LEU F 204 -27.33 -8.93 -18.44
C LEU F 204 -28.39 -8.17 -17.65
N ASN F 205 -28.26 -6.84 -17.56
CA ASN F 205 -29.25 -6.06 -16.84
C ASN F 205 -30.62 -6.16 -17.50
N VAL F 206 -30.66 -6.08 -18.82
CA VAL F 206 -31.93 -6.25 -19.53
C VAL F 206 -32.49 -7.63 -19.27
N ALA F 207 -31.64 -8.65 -19.30
CA ALA F 207 -32.10 -10.01 -19.06
C ALA F 207 -32.67 -10.16 -17.66
N GLU F 208 -32.03 -9.55 -16.66
CA GLU F 208 -32.54 -9.65 -15.30
C GLU F 208 -33.90 -9.00 -15.17
N VAL F 209 -34.07 -7.82 -15.76
CA VAL F 209 -35.35 -7.13 -15.68
C VAL F 209 -36.44 -7.98 -16.34
N VAL F 210 -36.16 -8.50 -17.54
CA VAL F 210 -37.15 -9.31 -18.23
C VAL F 210 -37.46 -10.57 -17.46
N TYR F 211 -36.43 -11.24 -16.94
CA TYR F 211 -36.65 -12.48 -16.20
C TYR F 211 -37.48 -12.24 -14.96
N LEU F 212 -37.17 -11.19 -14.21
CA LEU F 212 -37.93 -10.90 -12.99
C LEU F 212 -39.38 -10.55 -13.31
N ILE F 213 -39.59 -9.73 -14.34
CA ILE F 213 -40.95 -9.36 -14.71
C ILE F 213 -41.75 -10.58 -15.16
N ILE F 214 -41.12 -11.43 -15.98
CA ILE F 214 -41.82 -12.62 -16.46
C ILE F 214 -42.18 -13.54 -15.31
N ARG F 215 -41.23 -13.77 -14.39
CA ARG F 215 -41.50 -14.64 -13.26
C ARG F 215 -42.57 -14.05 -12.35
N ALA F 216 -42.53 -12.74 -12.13
CA ALA F 216 -43.54 -12.11 -11.28
C ALA F 216 -44.92 -12.20 -11.91
N CYS F 217 -45.03 -11.95 -13.21
CA CYS F 217 -46.32 -12.04 -13.88
C CYS F 217 -46.84 -13.47 -13.85
N ALA F 218 -45.95 -14.44 -14.06
CA ALA F 218 -46.37 -15.84 -13.98
C ALA F 218 -46.86 -16.19 -12.59
N ARG F 219 -46.19 -15.67 -11.55
CA ARG F 219 -46.64 -15.92 -10.19
C ARG F 219 -47.99 -15.26 -9.91
N ARG F 220 -48.25 -14.09 -10.52
CA ARG F 220 -49.53 -13.44 -10.35
C ARG F 220 -50.67 -14.31 -10.87
N ALA F 221 -50.45 -14.96 -12.01
CA ALA F 221 -51.47 -15.84 -12.60
C ALA F 221 -51.69 -17.06 -11.71
C1 CLR G . 2.64 0.91 15.91
C2 CLR G . 3.30 0.00 14.90
C3 CLR G . 2.97 -1.44 15.16
C4 CLR G . 1.44 -1.60 15.10
C5 CLR G . 0.69 -0.67 16.02
C6 CLR G . -0.27 -1.17 16.77
C7 CLR G . -1.11 -0.33 17.75
C8 CLR G . -0.92 1.16 17.49
C9 CLR G . 0.59 1.46 17.27
C10 CLR G . 1.12 0.80 15.99
C11 CLR G . 0.93 2.94 17.37
C12 CLR G . 0.31 3.64 18.60
C13 CLR G . -1.21 3.46 18.56
C14 CLR G . -1.40 1.90 18.68
C15 CLR G . -2.91 1.74 19.03
C16 CLR G . -3.22 3.00 19.92
C17 CLR G . -1.95 3.93 19.88
C18 CLR G . -1.87 4.01 17.33
C19 CLR G . 0.47 1.49 14.77
C20 CLR G . -2.43 5.38 19.87
C21 CLR G . -1.32 6.42 19.99
C22 CLR G . -3.33 5.51 21.15
C23 CLR G . -3.61 6.99 21.47
C24 CLR G . -4.71 6.94 22.57
C25 CLR G . -5.25 8.36 22.78
C26 CLR G . -6.24 8.29 23.96
C27 CLR G . -4.15 9.41 22.96
O1 CLR G . 3.61 -2.35 14.28
C1 CLR H . -9.67 6.69 11.13
C2 CLR H . -8.25 6.21 11.28
C3 CLR H . -8.15 5.07 12.24
C4 CLR H . -9.02 3.92 11.72
C5 CLR H . -10.44 4.32 11.45
C6 CLR H . -11.40 3.53 11.91
C7 CLR H . -12.90 3.83 11.70
C8 CLR H . -13.11 4.92 10.66
C9 CLR H . -12.11 6.08 10.92
C10 CLR H . -10.66 5.62 10.66
C11 CLR H . -12.47 7.36 10.16
C12 CLR H . -13.94 7.75 10.31
C13 CLR H . -14.83 6.61 9.82
C14 CLR H . -14.51 5.44 10.80
C15 CLR H . -15.65 4.41 10.55
C16 CLR H . -16.89 5.32 10.24
C17 CLR H . -16.37 6.80 10.10
C18 CLR H . -14.59 6.24 8.38
C19 CLR H . -10.46 5.33 9.16
C20 CLR H . -17.15 7.49 9.00
C21 CLR H . -16.90 8.99 8.86
C22 CLR H . -18.66 7.34 9.43
C23 CLR H . -19.57 8.26 8.60
C24 CLR H . -21.02 7.79 8.94
C25 CLR H . -21.99 8.47 7.97
C26 CLR H . -23.41 8.09 8.42
C27 CLR H . -21.77 9.99 7.85
O1 CLR H . -6.82 4.63 12.48
C1 CLR I . 8.49 -10.34 9.04
C2 CLR I . 7.91 -10.55 7.67
C3 CLR I . 6.85 -11.61 7.68
C4 CLR I . 5.74 -11.18 8.65
C5 CLR I . 6.24 -10.85 10.03
C6 CLR I . 5.60 -11.35 11.07
C7 CLR I . 6.00 -11.10 12.53
C8 CLR I . 7.01 -9.97 12.63
C9 CLR I . 8.09 -10.14 11.52
C10 CLR I . 7.48 -9.95 10.12
C11 CLR I . 9.33 -9.27 11.76
C12 CLR I . 9.87 -9.36 13.19
C13 CLR I . 8.77 -8.95 14.18
C14 CLR I . 7.67 -10.04 13.97
C15 CLR I . 6.73 -9.86 15.20
C16 CLR I . 7.72 -9.44 16.35
C17 CLR I . 9.13 -9.20 15.70
C18 CLR I . 8.25 -7.56 13.96
C19 CLR I . 7.05 -8.48 9.94
C20 CLR I . 9.79 -8.03 16.41
C21 CLR I . 11.24 -7.76 16.01
C22 CLR I . 9.80 -8.45 17.93
C23 CLR I . 10.73 -7.53 18.74
C24 CLR I . 10.42 -7.88 20.22
C25 CLR I . 11.11 -6.85 21.13
C26 CLR I . 10.89 -7.30 22.58
C27 CLR I . 12.58 -6.59 20.77
O1 CLR I . 6.31 -11.90 6.41
C1 CLR J . 2.05 -15.80 -2.65
C2 CLR J . 1.01 -14.88 -3.23
C3 CLR J . -0.37 -15.26 -2.77
C4 CLR J . -0.41 -15.19 -1.23
C5 CLR J . 0.67 -16.02 -0.56
C6 CLR J . 0.32 -16.80 0.44
C7 CLR J . 1.32 -17.69 1.20
C8 CLR J . 2.76 -17.32 0.87
C9 CLR J . 2.89 -17.09 -0.67
C10 CLR J . 2.09 -15.87 -1.12
C11 CLR J . 4.35 -17.06 -1.13
C12 CLR J . 5.20 -18.22 -0.58
C13 CLR J . 5.16 -18.18 0.96
C14 CLR J . 3.65 -18.43 1.29
C15 CLR J . 3.65 -18.78 2.81
C16 CLR J . 5.01 -19.55 3.01
C17 CLR J . 5.81 -19.43 1.66
C18 CLR J . 5.66 -16.90 1.55
C19 CLR J . 2.72 -14.59 -0.55
C20 CLR J . 7.28 -19.29 2.00
C21 CLR J . 8.23 -19.35 0.80
C22 CLR J . 7.61 -20.56 2.88
C23 CLR J . 9.13 -20.74 3.04
C24 CLR J . 9.28 -21.82 4.15
C25 CLR J . 10.76 -21.91 4.56
C26 CLR J . 10.88 -23.07 5.55
C27 CLR J . 11.72 -22.01 3.37
O1 CLR J . -1.40 -14.48 -3.32
C1 CLR K . -10.24 -10.00 -7.48
C2 CLR K . -10.52 -8.65 -6.89
C3 CLR K . -11.47 -8.73 -5.73
C4 CLR K . -10.86 -9.65 -4.66
C5 CLR K . -10.46 -11.01 -5.19
C6 CLR K . -10.81 -12.07 -4.49
C7 CLR K . -10.46 -13.51 -4.91
C8 CLR K . -9.42 -13.53 -6.02
C9 CLR K . -9.79 -12.44 -7.08
C10 CLR K . -9.67 -11.03 -6.50
C11 CLR K . -9.02 -12.62 -8.40
C12 CLR K . -9.04 -14.06 -8.93
C13 CLR K . -8.44 -15.00 -7.87
C14 CLR K . -9.44 -14.87 -6.66
C15 CLR K . -9.07 -16.07 -5.74
C16 CLR K . -8.64 -17.20 -6.76
C17 CLR K . -8.59 -16.54 -8.19
C18 CLR K . -7.04 -14.65 -7.47
C19 CLR K . -8.19 -10.72 -6.21
C20 CLR K . -7.42 -17.16 -8.95
C21 CLR K . -7.32 -16.75 -10.42
C22 CLR K . -7.71 -18.69 -8.93
C23 CLR K . -6.81 -19.44 -9.92
C24 CLR K . -7.00 -20.95 -9.58
C25 CLR K . -5.95 -21.77 -10.36
C26 CLR K . -6.26 -23.25 -10.09
C27 CLR K . -5.87 -21.40 -11.84
O1 CLR K . -11.82 -7.48 -5.17
C1 CLR L . -16.09 1.25 -0.61
C2 CLR L . -15.13 1.91 0.35
C3 CLR L . -15.35 1.44 1.75
C4 CLR L . -15.14 -0.09 1.79
C5 CLR L . -16.00 -0.83 0.79
C6 CLR L . -16.66 -1.89 1.22
C7 CLR L . -17.57 -2.74 0.30
C8 CLR L . -17.35 -2.40 -1.16
C9 CLR L . -17.27 -0.86 -1.33
C10 CLR L . -16.03 -0.28 -0.64
C11 CLR L . -17.41 -0.41 -2.78
C12 CLR L . -18.59 -1.07 -3.52
C13 CLR L . -18.42 -2.59 -3.47
C14 CLR L . -18.50 -2.93 -1.94
C15 CLR L . -18.71 -4.47 -1.92
C16 CLR L . -19.58 -4.75 -3.19
C17 CLR L . -19.66 -3.41 -4.00
C18 CLR L . -17.15 -3.07 -4.09
C19 CLR L . -14.77 -0.74 -1.38
C20 CLR L . -19.63 -3.75 -5.49
C21 CLR L . -19.87 -2.57 -6.43
C22 CLR L . -20.82 -4.75 -5.70
C23 CLR L . -21.13 -4.93 -7.18
C24 CLR L . -22.13 -6.13 -7.23
C25 CLR L . -22.31 -6.57 -8.70
C26 CLR L . -23.38 -7.66 -8.70
C27 CLR L . -22.60 -5.39 -9.64
O1 CLR L . -14.52 2.07 2.71
#